data_5KXE
#
_entry.id   5KXE
#
_cell.length_a   76.584
_cell.length_b   97.943
_cell.length_c   149.158
_cell.angle_alpha   90.000
_cell.angle_beta   90.000
_cell.angle_gamma   90.000
#
_symmetry.space_group_name_H-M   'P 21 21 21'
#
loop_
_entity.id
_entity.type
_entity.pdbx_description
1 polymer 'Wisteria floribunda agglutinin'
2 branched alpha-D-mannopyranose-(1-6)-beta-D-mannopyranose-(1-4)-2-acetamido-2-deoxy-beta-D-glucopyranose-(1-4)-[alpha-L-fucopyranose-(1-3)]2-acetamido-2-deoxy-beta-D-glucopyranose
3 branched beta-D-xylopyranose-(1-2)-[alpha-D-mannopyranose-(1-3)][alpha-D-mannopyranose-(1-6)]beta-D-mannopyranose-(1-4)-2-acetamido-2-deoxy-beta-D-glucopyranose-(1-4)-[alpha-L-fucopyranose-(1-3)]2-acetamido-2-deoxy-beta-D-glucopyranose
4 branched alpha-L-fucopyranose-(1-3)-2-acetamido-2-deoxy-beta-D-glucopyranose
5 non-polymer ~{N}-[(2~{S},3~{R},4~{R},5~{R},6~{R})-2-[(2~{R},3~{S},4~{R},5~{R},6~{S})-5-acetamido-2-(hydroxymethyl)-6-(4-nitrophenoxy)-4-oxidanyl-oxan-3-yl]oxy-6-(hydroxymethyl)-4,5-bis(oxidanyl)oxan-3-yl]ethanamide
6 non-polymer 'MANGANESE (II) ION'
7 non-polymer 'CALCIUM ION'
8 non-polymer 'PHOSPHATE ION'
9 non-polymer 'SULFATE ION'
10 water water
#
_entity_poly.entity_id   1
_entity_poly.type   'polypeptide(L)'
_entity_poly.pdbx_seq_one_letter_code
;KETTSFVFTRFSPDPQNLLLQGDTVVTSSGHLQLTQVKDGEPVYSSLGRALYYAPIHIWDSNTDTVANFVTSFSFVIDAP
NKAKAADGLAFFLAPVDTEPQKPGGLLGLFHDDRHNKSNHIVAVEFDTFKNSWDPEGTHIGINVNSIVSRKTISWDLEND
EVANVVISYQASTKTLTASLVYPSSSTSYILNDVVDLKQILPEYVRVGFTAASGLSKDHVETHDVLAWTFDSDLPDPSSD
DCN
;
_entity_poly.pdbx_strand_id   A,B,C,D
#
loop_
_chem_comp.id
_chem_comp.type
_chem_comp.name
_chem_comp.formula
6Y2 non-polymer ~{N}-[(2~{S},3~{R},4~{R},5~{R},6~{R})-2-[(2~{R},3~{S},4~{R},5~{R},6~{S})-5-acetamido-2-(hydroxymethyl)-6-(4-nitrophenoxy)-4-oxidanyl-oxan-3-yl]oxy-6-(hydroxymethyl)-4,5-bis(oxidanyl)oxan-3-yl]ethanamide 'C22 H31 N3 O13'
BMA D-saccharide, beta linking beta-D-mannopyranose 'C6 H12 O6'
CA non-polymer 'CALCIUM ION' 'Ca 2'
FUC L-saccharide, alpha linking alpha-L-fucopyranose 'C6 H12 O5'
MAN D-saccharide, alpha linking alpha-D-mannopyranose 'C6 H12 O6'
MN non-polymer 'MANGANESE (II) ION' 'Mn 2'
NAG D-saccharide, beta linking 2-acetamido-2-deoxy-beta-D-glucopyranose 'C8 H15 N O6'
PO4 non-polymer 'PHOSPHATE ION' 'O4 P -3'
SO4 non-polymer 'SULFATE ION' 'O4 S -2'
XYP D-saccharide, beta linking beta-D-xylopyranose 'C5 H10 O5'
#
# COMPACT_ATOMS: atom_id res chain seq x y z
N LYS A 1 -15.96 -5.11 -0.13
CA LYS A 1 -14.52 -5.41 0.07
C LYS A 1 -14.04 -4.79 1.39
N GLU A 2 -13.28 -5.56 2.17
CA GLU A 2 -12.75 -5.10 3.44
C GLU A 2 -11.29 -5.52 3.53
N THR A 3 -10.43 -4.59 3.94
CA THR A 3 -9.03 -4.91 4.24
C THR A 3 -8.64 -4.39 5.61
N THR A 4 -7.66 -5.05 6.22
CA THR A 4 -7.05 -4.65 7.47
C THR A 4 -5.54 -4.83 7.33
N SER A 5 -4.78 -3.84 7.77
CA SER A 5 -3.32 -3.90 7.80
C SER A 5 -2.74 -3.25 9.02
N PHE A 6 -1.56 -3.73 9.37
CA PHE A 6 -0.73 -3.05 10.35
C PHE A 6 0.73 -3.43 10.21
N VAL A 7 1.60 -2.54 10.67
CA VAL A 7 3.05 -2.73 10.63
C VAL A 7 3.59 -2.29 11.98
N PHE A 8 4.47 -3.11 12.55
CA PHE A 8 5.33 -2.72 13.66
C PHE A 8 6.76 -3.08 13.23
N THR A 9 7.63 -2.09 13.05
CA THR A 9 9.05 -2.38 12.84
C THR A 9 9.77 -2.49 14.18
N ARG A 10 9.10 -2.08 15.24
CA ARG A 10 9.51 -2.32 16.61
C ARG A 10 8.28 -2.04 17.47
N PHE A 11 8.37 -2.38 18.75
CA PHE A 11 7.23 -2.29 19.65
C PHE A 11 7.49 -1.24 20.71
N SER A 12 6.44 -0.48 21.05
CA SER A 12 6.48 0.55 22.09
C SER A 12 6.05 -0.03 23.42
N PRO A 13 6.55 0.53 24.54
CA PRO A 13 6.04 0.05 25.84
C PRO A 13 4.56 0.39 25.96
N ASP A 14 3.81 -0.45 26.66
CA ASP A 14 2.36 -0.29 26.77
C ASP A 14 1.62 -0.18 25.41
N PRO A 15 1.75 -1.21 24.57
CA PRO A 15 1.13 -1.13 23.24
C PRO A 15 -0.37 -1.43 23.36
N GLN A 16 -1.19 -0.38 23.38
CA GLN A 16 -2.62 -0.51 23.62
C GLN A 16 -3.41 -1.10 22.46
N ASN A 17 -2.79 -1.21 21.28
CA ASN A 17 -3.42 -1.94 20.18
C ASN A 17 -2.98 -3.42 20.11
N LEU A 18 -2.28 -3.92 21.12
CA LEU A 18 -2.04 -5.35 21.29
C LEU A 18 -2.68 -5.83 22.60
N LEU A 19 -3.20 -7.05 22.58
CA LEU A 19 -3.63 -7.75 23.77
C LEU A 19 -2.46 -8.61 24.22
N LEU A 20 -1.80 -8.21 25.30
CA LEU A 20 -0.72 -9.01 25.87
C LEU A 20 -1.35 -9.96 26.89
N GLN A 21 -1.01 -11.24 26.80
CA GLN A 21 -1.56 -12.25 27.70
C GLN A 21 -0.40 -13.01 28.34
N GLY A 22 -0.64 -13.52 29.56
CA GLY A 22 0.40 -14.25 30.29
C GLY A 22 1.59 -13.35 30.58
N ASP A 23 2.79 -13.85 30.33
CA ASP A 23 4.02 -13.16 30.77
C ASP A 23 4.57 -12.10 29.84
N THR A 24 3.89 -11.83 28.73
CA THR A 24 4.48 -10.98 27.69
C THR A 24 4.75 -9.56 28.19
N VAL A 25 5.94 -9.04 27.89
CA VAL A 25 6.28 -7.64 28.08
C VAL A 25 7.00 -7.11 26.85
N VAL A 26 7.07 -5.79 26.75
CA VAL A 26 7.86 -5.12 25.74
C VAL A 26 9.20 -4.70 26.33
N THR A 27 10.29 -5.03 25.67
CA THR A 27 11.62 -4.69 26.20
C THR A 27 11.94 -3.24 25.84
N SER A 28 12.93 -2.68 26.54
CA SER A 28 13.41 -1.34 26.24
C SER A 28 14.07 -1.27 24.85
N SER A 29 14.62 -2.39 24.38
CA SER A 29 15.09 -2.48 22.99
C SER A 29 13.96 -2.58 21.94
N GLY A 30 12.70 -2.62 22.37
CA GLY A 30 11.53 -2.59 21.46
C GLY A 30 11.09 -3.95 20.92
N HIS A 31 11.40 -5.02 21.65
CA HIS A 31 11.01 -6.37 21.29
C HIS A 31 9.82 -6.81 22.09
N LEU A 32 9.04 -7.71 21.50
CA LEU A 32 7.95 -8.36 22.18
C LEU A 32 8.52 -9.59 22.83
N GLN A 33 8.70 -9.53 24.15
CA GLN A 33 9.34 -10.61 24.91
C GLN A 33 8.26 -11.53 25.45
N LEU A 34 8.04 -12.64 24.76
CA LEU A 34 6.88 -13.47 25.06
C LEU A 34 7.05 -14.26 26.35
N THR A 35 8.26 -14.76 26.60
CA THR A 35 8.54 -15.53 27.83
C THR A 35 9.53 -14.79 28.71
N GLN A 36 9.40 -14.98 30.01
CA GLN A 36 10.11 -14.20 31.01
C GLN A 36 11.61 -14.33 30.95
N VAL A 37 12.27 -13.21 31.20
CA VAL A 37 13.72 -13.16 31.38
C VAL A 37 13.96 -12.55 32.75
N LYS A 38 14.86 -13.15 33.52
CA LYS A 38 15.26 -12.64 34.83
C LYS A 38 16.79 -12.69 34.90
N ASP A 39 17.40 -11.53 35.15
CA ASP A 39 18.87 -11.38 35.17
C ASP A 39 19.55 -11.90 33.90
N GLY A 40 18.99 -11.51 32.75
CA GLY A 40 19.49 -11.94 31.45
C GLY A 40 19.32 -13.42 31.10
N GLU A 41 18.58 -14.17 31.92
CA GLU A 41 18.40 -15.61 31.71
C GLU A 41 16.92 -15.94 31.56
N PRO A 42 16.58 -16.86 30.65
CA PRO A 42 15.18 -17.24 30.48
C PRO A 42 14.67 -18.01 31.67
N VAL A 43 13.42 -17.76 32.04
CA VAL A 43 12.76 -18.40 33.18
C VAL A 43 11.92 -19.56 32.66
N TYR A 44 11.97 -20.67 33.37
CA TYR A 44 11.24 -21.86 32.99
C TYR A 44 9.75 -21.69 33.29
N SER A 45 8.95 -22.55 32.70
CA SER A 45 7.53 -22.60 32.94
C SER A 45 6.80 -21.26 32.66
N SER A 46 7.29 -20.51 31.68
CA SER A 46 6.73 -19.21 31.33
C SER A 46 5.95 -19.35 30.02
N LEU A 47 4.86 -18.58 29.92
CA LEU A 47 3.97 -18.61 28.78
C LEU A 47 3.49 -17.18 28.55
N GLY A 48 3.62 -16.70 27.31
CA GLY A 48 3.09 -15.38 26.95
C GLY A 48 2.56 -15.35 25.52
N ARG A 49 1.52 -14.54 25.32
CA ARG A 49 0.89 -14.36 24.02
C ARG A 49 0.73 -12.87 23.76
N ALA A 50 0.55 -12.54 22.48
CA ALA A 50 0.30 -11.17 22.04
C ALA A 50 -0.56 -11.23 20.79
N LEU A 51 -1.72 -10.59 20.86
CA LEU A 51 -2.70 -10.57 19.78
C LEU A 51 -2.92 -9.13 19.33
N TYR A 52 -3.19 -8.91 18.05
CA TYR A 52 -3.65 -7.61 17.59
C TYR A 52 -5.03 -7.37 18.18
N TYR A 53 -5.28 -6.15 18.64
CA TYR A 53 -6.50 -5.84 19.38
C TYR A 53 -7.75 -6.00 18.52
N ALA A 54 -7.72 -5.56 17.27
CA ALA A 54 -8.90 -5.65 16.42
C ALA A 54 -9.12 -7.06 15.90
N PRO A 55 -10.36 -7.56 16.01
CA PRO A 55 -10.75 -8.73 15.25
C PRO A 55 -10.50 -8.56 13.76
N ILE A 56 -10.08 -9.64 13.12
CA ILE A 56 -9.84 -9.69 11.71
C ILE A 56 -11.01 -10.42 11.06
N HIS A 57 -11.56 -9.84 10.00
CA HIS A 57 -12.67 -10.43 9.27
C HIS A 57 -12.10 -11.40 8.25
N ILE A 58 -12.15 -12.68 8.59
CA ILE A 58 -11.45 -13.72 7.83
C ILE A 58 -12.34 -14.42 6.80
N TRP A 59 -13.64 -14.51 7.08
CA TRP A 59 -14.62 -14.89 6.06
C TRP A 59 -16.00 -14.33 6.41
N ASP A 60 -16.89 -14.34 5.42
CA ASP A 60 -18.22 -13.73 5.57
C ASP A 60 -19.27 -14.69 5.03
N SER A 61 -20.14 -15.17 5.91
CA SER A 61 -21.19 -16.13 5.51
C SER A 61 -22.24 -15.50 4.59
N ASN A 62 -22.52 -14.21 4.73
CA ASN A 62 -23.51 -13.53 3.87
C ASN A 62 -23.12 -13.55 2.40
N THR A 63 -21.90 -13.10 2.11
CA THR A 63 -21.38 -13.04 0.74
C THR A 63 -20.66 -14.33 0.32
N ASP A 64 -20.53 -15.28 1.24
CA ASP A 64 -19.77 -16.51 1.03
C ASP A 64 -18.36 -16.27 0.45
N THR A 65 -17.63 -15.33 1.05
CA THR A 65 -16.28 -14.99 0.63
C THR A 65 -15.31 -15.32 1.76
N VAL A 66 -14.06 -15.58 1.39
CA VAL A 66 -13.00 -15.89 2.33
C VAL A 66 -11.83 -14.98 2.01
N ALA A 67 -11.17 -14.49 3.06
CA ALA A 67 -10.07 -13.55 2.92
C ALA A 67 -8.78 -14.23 2.52
N ASN A 68 -7.97 -13.51 1.77
CA ASN A 68 -6.54 -13.77 1.69
C ASN A 68 -5.87 -13.03 2.83
N PHE A 69 -4.74 -13.54 3.29
CA PHE A 69 -3.89 -12.77 4.18
C PHE A 69 -2.43 -13.11 4.01
N VAL A 70 -1.60 -12.19 4.44
CA VAL A 70 -0.17 -12.41 4.52
C VAL A 70 0.35 -11.69 5.78
N THR A 71 1.18 -12.40 6.52
CA THR A 71 1.85 -11.82 7.66
C THR A 71 3.34 -12.12 7.54
N SER A 72 4.16 -11.18 7.97
CA SER A 72 5.60 -11.40 8.08
C SER A 72 6.02 -10.96 9.49
N PHE A 73 7.02 -11.63 10.03
CA PHE A 73 7.58 -11.27 11.30
C PHE A 73 8.99 -11.81 11.43
N SER A 74 9.73 -11.20 12.34
CA SER A 74 11.08 -11.58 12.67
C SER A 74 11.08 -12.01 14.12
N PHE A 75 11.74 -13.12 14.43
CA PHE A 75 11.83 -13.58 15.81
C PHE A 75 13.21 -14.13 16.11
N VAL A 76 13.51 -14.19 17.42
CA VAL A 76 14.74 -14.78 17.92
C VAL A 76 14.43 -15.71 19.08
N ILE A 77 15.02 -16.91 19.03
CA ILE A 77 15.02 -17.84 20.13
C ILE A 77 16.48 -18.00 20.58
N ASP A 78 16.73 -17.77 21.87
CA ASP A 78 18.05 -17.91 22.48
C ASP A 78 17.99 -18.91 23.64
N ALA A 79 18.53 -20.09 23.42
CA ALA A 79 18.59 -21.17 24.40
C ALA A 79 19.99 -21.23 24.96
N PRO A 80 20.17 -21.13 26.30
CA PRO A 80 21.50 -21.33 26.89
C PRO A 80 22.18 -22.65 26.49
N ASN A 81 21.39 -23.71 26.35
CA ASN A 81 21.88 -24.99 25.84
C ASN A 81 20.93 -25.44 24.74
N LYS A 82 21.42 -25.44 23.50
CA LYS A 82 20.58 -25.72 22.34
C LYS A 82 19.93 -27.12 22.38
N ALA A 83 20.67 -28.12 22.84
CA ALA A 83 20.12 -29.47 22.97
C ALA A 83 18.93 -29.57 23.93
N LYS A 84 18.90 -28.71 24.95
CA LYS A 84 17.80 -28.66 25.91
C LYS A 84 16.79 -27.54 25.62
N ALA A 85 16.72 -27.04 24.39
CA ALA A 85 15.75 -26.00 24.02
C ALA A 85 14.32 -26.49 24.24
N ALA A 86 13.48 -25.63 24.83
CA ALA A 86 12.04 -25.89 24.92
C ALA A 86 11.28 -24.59 25.19
N ASP A 87 10.00 -24.45 24.80
CA ASP A 87 9.23 -25.38 23.97
C ASP A 87 8.95 -24.87 22.56
N GLY A 88 8.90 -23.54 22.38
CA GLY A 88 8.79 -22.95 21.04
C GLY A 88 7.81 -21.79 20.97
N LEU A 89 7.52 -21.40 19.73
CA LEU A 89 6.78 -20.21 19.42
C LEU A 89 5.81 -20.56 18.30
N ALA A 90 4.63 -19.94 18.29
CA ALA A 90 3.71 -20.11 17.18
C ALA A 90 3.02 -18.82 16.84
N PHE A 91 2.70 -18.70 15.55
CA PHE A 91 1.77 -17.70 15.06
C PHE A 91 0.43 -18.40 14.94
N PHE A 92 -0.66 -17.72 15.30
CA PHE A 92 -1.95 -18.37 15.28
C PHE A 92 -3.13 -17.45 15.03
N LEU A 93 -4.22 -18.08 14.59
CA LEU A 93 -5.53 -17.48 14.46
C LEU A 93 -6.50 -18.27 15.36
N ALA A 94 -7.36 -17.55 16.08
CA ALA A 94 -8.23 -18.16 17.08
C ALA A 94 -9.48 -17.29 17.27
N PRO A 95 -10.51 -17.81 17.99
CA PRO A 95 -11.67 -16.98 18.27
C PRO A 95 -11.30 -15.67 18.96
N VAL A 96 -12.14 -14.65 18.78
CA VAL A 96 -11.86 -13.32 19.31
C VAL A 96 -11.60 -13.35 20.82
N ASP A 97 -12.34 -14.18 21.54
CA ASP A 97 -12.22 -14.29 23.00
C ASP A 97 -11.12 -15.27 23.50
N THR A 98 -10.21 -15.70 22.62
CA THR A 98 -9.15 -16.66 22.97
C THR A 98 -8.33 -16.21 24.19
N GLU A 99 -8.04 -17.17 25.05
CA GLU A 99 -7.27 -16.97 26.29
C GLU A 99 -6.14 -18.01 26.31
N PRO A 100 -5.02 -17.74 26.99
CA PRO A 100 -3.94 -18.72 27.11
C PRO A 100 -4.40 -20.05 27.71
N GLN A 101 -3.94 -21.15 27.15
CA GLN A 101 -4.27 -22.49 27.63
C GLN A 101 -3.04 -23.08 28.33
N LYS A 102 -2.77 -24.36 28.17
CA LYS A 102 -1.69 -25.02 28.92
C LYS A 102 -0.30 -24.59 28.47
N PRO A 103 0.64 -24.47 29.43
CA PRO A 103 2.01 -24.10 29.12
C PRO A 103 2.85 -25.25 28.52
N GLY A 104 4.17 -25.08 28.47
CA GLY A 104 5.08 -26.12 27.99
C GLY A 104 4.83 -26.50 26.53
N GLY A 105 4.80 -27.80 26.28
CA GLY A 105 4.67 -28.31 24.92
C GLY A 105 3.36 -28.04 24.22
N LEU A 106 2.33 -27.66 24.96
CA LEU A 106 1.06 -27.24 24.37
C LEU A 106 1.03 -25.75 23.94
N LEU A 107 2.13 -25.04 24.23
CA LEU A 107 2.46 -23.71 23.64
C LEU A 107 1.47 -22.60 23.97
N GLY A 108 0.66 -22.80 25.00
CA GLY A 108 -0.41 -21.88 25.35
C GLY A 108 -1.59 -21.92 24.42
N LEU A 109 -1.63 -22.90 23.52
CA LEU A 109 -2.66 -22.95 22.49
C LEU A 109 -3.81 -23.88 22.84
N PHE A 110 -3.49 -25.02 23.44
CA PHE A 110 -4.44 -26.12 23.62
C PHE A 110 -4.50 -26.53 25.09
N HIS A 111 -5.66 -27.05 25.49
CA HIS A 111 -5.91 -27.53 26.84
C HIS A 111 -5.33 -28.95 27.03
N ASP A 112 -5.23 -29.72 25.95
CA ASP A 112 -4.67 -31.07 25.99
C ASP A 112 -4.05 -31.39 24.63
N ASP A 113 -3.47 -32.58 24.53
CA ASP A 113 -2.80 -33.00 23.31
C ASP A 113 -3.68 -33.73 22.28
N ARG A 114 -5.00 -33.60 22.40
CA ARG A 114 -5.93 -34.27 21.48
C ARG A 114 -6.44 -33.32 20.43
N HIS A 115 -7.08 -33.89 19.41
CA HIS A 115 -7.71 -33.13 18.35
C HIS A 115 -9.12 -32.77 18.78
N ASN A 116 -9.53 -31.52 18.61
CA ASN A 116 -10.87 -31.10 19.02
C ASN A 116 -11.33 -29.92 18.18
N LYS A 117 -12.40 -30.11 17.42
CA LYS A 117 -12.87 -29.10 16.48
C LYS A 117 -13.41 -27.84 17.16
N SER A 118 -13.73 -27.92 18.44
CA SER A 118 -14.13 -26.73 19.19
C SER A 118 -12.99 -25.81 19.57
N ASN A 119 -11.74 -26.23 19.38
CA ASN A 119 -10.61 -25.31 19.54
C ASN A 119 -10.70 -24.11 18.59
N HIS A 120 -11.13 -24.35 17.35
CA HIS A 120 -11.10 -23.33 16.29
C HIS A 120 -9.74 -22.62 16.22
N ILE A 121 -8.67 -23.39 16.10
CA ILE A 121 -7.31 -22.83 16.02
C ILE A 121 -6.59 -23.31 14.77
N VAL A 122 -5.98 -22.35 14.07
CA VAL A 122 -5.00 -22.64 13.01
C VAL A 122 -3.70 -21.98 13.46
N ALA A 123 -2.61 -22.73 13.44
CA ALA A 123 -1.34 -22.21 13.91
C ALA A 123 -0.18 -22.74 13.08
N VAL A 124 0.88 -21.95 13.03
CA VAL A 124 2.16 -22.40 12.53
C VAL A 124 3.14 -22.36 13.69
N GLU A 125 3.72 -23.53 14.02
CA GLU A 125 4.58 -23.66 15.19
C GLU A 125 6.04 -23.81 14.80
N PHE A 126 6.89 -23.30 15.67
CA PHE A 126 8.34 -23.40 15.58
C PHE A 126 8.73 -24.13 16.86
N ASP A 127 8.83 -25.44 16.74
CA ASP A 127 8.79 -26.36 17.86
C ASP A 127 10.18 -26.86 18.20
N THR A 128 10.68 -26.49 19.38
CA THR A 128 12.06 -26.75 19.77
C THR A 128 12.26 -27.98 20.68
N PHE A 129 11.18 -28.64 21.09
CA PHE A 129 11.26 -29.76 22.02
C PHE A 129 10.36 -30.92 21.57
N LYS A 130 10.94 -32.12 21.52
CA LYS A 130 10.22 -33.30 21.10
C LYS A 130 9.33 -33.84 22.24
N ASN A 131 8.05 -33.55 22.14
CA ASN A 131 7.03 -34.15 22.99
C ASN A 131 6.65 -35.52 22.45
N SER A 132 5.81 -36.24 23.18
CA SER A 132 5.43 -37.61 22.81
C SER A 132 4.71 -37.67 21.46
N TRP A 133 3.98 -36.60 21.12
CA TRP A 133 3.26 -36.48 19.86
C TRP A 133 4.10 -35.92 18.68
N ASP A 134 5.35 -35.52 18.92
CA ASP A 134 6.15 -34.80 17.92
C ASP A 134 7.00 -35.71 17.04
N PRO A 135 7.33 -35.25 15.83
CA PRO A 135 8.37 -35.93 15.08
C PRO A 135 9.73 -35.80 15.75
N GLU A 136 10.69 -36.58 15.30
CA GLU A 136 12.07 -36.50 15.77
C GLU A 136 12.64 -35.15 15.28
N GLY A 137 13.32 -34.46 16.18
CA GLY A 137 14.01 -33.23 15.85
C GLY A 137 13.14 -31.99 15.85
N THR A 138 13.81 -30.85 15.99
CA THR A 138 13.14 -29.57 15.92
C THR A 138 12.48 -29.40 14.55
N HIS A 139 11.33 -28.76 14.52
CA HIS A 139 10.51 -28.74 13.33
C HIS A 139 9.55 -27.56 13.30
N ILE A 140 9.11 -27.25 12.08
CA ILE A 140 8.04 -26.31 11.81
C ILE A 140 6.82 -27.14 11.49
N GLY A 141 5.66 -26.73 12.00
CA GLY A 141 4.44 -27.48 11.80
C GLY A 141 3.27 -26.58 11.48
N ILE A 142 2.37 -27.10 10.67
CA ILE A 142 1.05 -26.50 10.47
C ILE A 142 0.04 -27.29 11.32
N ASN A 143 -0.66 -26.59 12.20
CA ASN A 143 -1.52 -27.19 13.21
C ASN A 143 -2.96 -26.71 12.99
N VAL A 144 -3.90 -27.64 13.02
CA VAL A 144 -5.32 -27.31 12.87
C VAL A 144 -6.03 -28.04 14.00
N ASN A 145 -6.47 -27.28 15.00
CA ASN A 145 -7.28 -27.82 16.11
C ASN A 145 -6.58 -28.86 16.97
N SER A 146 -5.25 -28.87 16.95
CA SER A 146 -4.48 -29.85 17.67
C SER A 146 -3.03 -29.45 17.72
N ILE A 147 -2.37 -29.79 18.82
CA ILE A 147 -0.92 -29.69 18.93
C ILE A 147 -0.20 -30.71 18.04
N VAL A 148 -0.92 -31.74 17.59
CA VAL A 148 -0.37 -32.76 16.71
C VAL A 148 -0.47 -32.22 15.30
N SER A 149 0.63 -31.73 14.77
CA SER A 149 0.64 -31.07 13.48
C SER A 149 0.11 -31.92 12.35
N ARG A 150 -0.64 -31.28 11.47
CA ARG A 150 -1.09 -31.88 10.24
C ARG A 150 0.07 -32.20 9.30
N LYS A 151 1.08 -31.33 9.30
CA LYS A 151 2.25 -31.48 8.43
C LYS A 151 3.42 -30.81 9.14
N THR A 152 4.59 -31.45 9.07
CA THR A 152 5.81 -30.88 9.65
C THR A 152 6.99 -30.98 8.67
N ILE A 153 7.98 -30.12 8.87
CA ILE A 153 9.29 -30.25 8.23
C ILE A 153 10.37 -30.03 9.29
N SER A 154 11.51 -30.68 9.09
CA SER A 154 12.68 -30.45 9.91
C SER A 154 13.13 -29.00 9.80
N TRP A 155 13.59 -28.46 10.91
CA TRP A 155 14.05 -27.08 11.01
C TRP A 155 15.14 -27.06 12.06
N ASP A 156 16.33 -26.62 11.71
CA ASP A 156 17.41 -26.48 12.66
C ASP A 156 17.39 -25.09 13.27
N LEU A 157 17.15 -25.03 14.56
CA LEU A 157 17.19 -23.78 15.32
C LEU A 157 18.59 -23.20 15.17
N GLU A 158 18.67 -21.94 14.73
CA GLU A 158 19.92 -21.22 14.73
C GLU A 158 19.87 -20.29 15.91
N ASN A 159 20.59 -20.73 16.93
CA ASN A 159 20.46 -20.20 18.26
C ASN A 159 20.84 -18.74 18.30
N ASP A 160 19.92 -17.92 18.80
CA ASP A 160 20.11 -16.48 18.93
C ASP A 160 20.30 -15.74 17.58
N GLU A 161 19.79 -16.29 16.48
CA GLU A 161 19.85 -15.62 15.19
C GLU A 161 18.45 -15.17 14.78
N VAL A 162 18.37 -14.10 14.00
CA VAL A 162 17.09 -13.57 13.55
C VAL A 162 16.50 -14.47 12.44
N ALA A 163 15.29 -14.95 12.67
CA ALA A 163 14.50 -15.70 11.69
C ALA A 163 13.46 -14.76 11.09
N ASN A 164 13.37 -14.73 9.76
CA ASN A 164 12.34 -13.98 9.04
C ASN A 164 11.30 -14.95 8.50
N VAL A 165 10.06 -14.79 8.95
CA VAL A 165 8.97 -15.67 8.63
C VAL A 165 7.95 -14.94 7.78
N VAL A 166 7.41 -15.64 6.79
CA VAL A 166 6.23 -15.18 6.05
C VAL A 166 5.20 -16.31 6.09
N ILE A 167 3.97 -15.97 6.43
CA ILE A 167 2.85 -16.91 6.42
C ILE A 167 1.77 -16.27 5.58
N SER A 168 1.28 -16.98 4.58
CA SER A 168 0.25 -16.44 3.70
C SER A 168 -0.85 -17.47 3.47
N TYR A 169 -2.04 -16.96 3.21
CA TYR A 169 -3.19 -17.78 2.89
C TYR A 169 -3.82 -17.33 1.58
N GLN A 170 -3.95 -18.27 0.66
CA GLN A 170 -4.56 -18.02 -0.63
C GLN A 170 -5.93 -18.67 -0.61
N ALA A 171 -6.97 -17.86 -0.53
CA ALA A 171 -8.34 -18.39 -0.39
C ALA A 171 -8.78 -19.25 -1.58
N SER A 172 -8.41 -18.85 -2.80
CA SER A 172 -8.85 -19.58 -4.01
C SER A 172 -8.37 -21.04 -4.08
N THR A 173 -7.23 -21.34 -3.45
CA THR A 173 -6.71 -22.72 -3.41
C THR A 173 -6.74 -23.30 -1.99
N LYS A 174 -7.31 -22.56 -1.05
CA LYS A 174 -7.34 -22.93 0.39
C LYS A 174 -5.97 -23.34 0.94
N THR A 175 -4.93 -22.64 0.49
CA THR A 175 -3.55 -23.02 0.77
C THR A 175 -2.90 -22.07 1.76
N LEU A 176 -2.38 -22.63 2.85
CA LEU A 176 -1.60 -21.92 3.84
C LEU A 176 -0.14 -22.23 3.62
N THR A 177 0.68 -21.20 3.46
CA THR A 177 2.12 -21.33 3.21
C THR A 177 2.89 -20.64 4.34
N ALA A 178 3.93 -21.29 4.84
CA ALA A 178 4.81 -20.73 5.85
C ALA A 178 6.25 -20.96 5.45
N SER A 179 7.04 -19.88 5.51
CA SER A 179 8.45 -19.95 5.20
C SER A 179 9.27 -19.30 6.30
N LEU A 180 10.49 -19.77 6.50
CA LEU A 180 11.42 -19.18 7.45
C LEU A 180 12.78 -19.11 6.79
N VAL A 181 13.42 -17.94 6.89
CA VAL A 181 14.76 -17.70 6.38
C VAL A 181 15.66 -17.19 7.53
N TYR A 182 16.86 -17.73 7.63
CA TYR A 182 17.93 -17.16 8.44
C TYR A 182 18.92 -16.50 7.48
N PRO A 183 18.85 -15.17 7.33
CA PRO A 183 19.82 -14.49 6.48
C PRO A 183 21.29 -14.71 6.88
N SER A 184 21.53 -14.83 8.17
CA SER A 184 22.88 -15.00 8.72
C SER A 184 23.61 -16.22 8.19
N SER A 185 22.88 -17.33 8.00
CA SER A 185 23.48 -18.56 7.48
C SER A 185 23.00 -18.96 6.07
N SER A 186 22.15 -18.13 5.44
CA SER A 186 21.55 -18.46 4.14
C SER A 186 20.83 -19.81 4.12
N THR A 187 20.05 -20.06 5.16
CA THR A 187 19.30 -21.28 5.33
C THR A 187 17.82 -20.93 5.25
N SER A 188 17.02 -21.78 4.61
CA SER A 188 15.60 -21.48 4.40
C SER A 188 14.74 -22.74 4.40
N TYR A 189 13.49 -22.55 4.77
CA TYR A 189 12.52 -23.62 4.98
C TYR A 189 11.16 -23.17 4.52
N ILE A 190 10.39 -24.10 3.98
CA ILE A 190 9.04 -23.78 3.57
C ILE A 190 8.15 -25.00 3.66
N LEU A 191 6.89 -24.79 3.99
CA LEU A 191 5.87 -25.84 3.82
C LEU A 191 4.53 -25.21 3.57
N ASN A 192 3.65 -26.02 3.01
CA ASN A 192 2.30 -25.54 2.74
C ASN A 192 1.30 -26.68 2.83
N ASP A 193 0.05 -26.32 3.08
CA ASP A 193 -1.01 -27.32 3.20
C ASP A 193 -2.36 -26.72 2.93
N VAL A 194 -3.30 -27.60 2.58
CA VAL A 194 -4.68 -27.20 2.37
C VAL A 194 -5.34 -27.03 3.73
N VAL A 195 -5.88 -25.86 4.00
CA VAL A 195 -6.52 -25.56 5.27
C VAL A 195 -7.76 -24.75 4.91
N ASP A 196 -8.94 -25.28 5.21
CA ASP A 196 -10.18 -24.63 4.82
C ASP A 196 -10.65 -23.73 5.98
N LEU A 197 -10.27 -22.44 5.91
CA LEU A 197 -10.51 -21.53 7.04
C LEU A 197 -11.99 -21.39 7.38
N LYS A 198 -12.83 -21.36 6.36
CA LYS A 198 -14.28 -21.26 6.52
C LYS A 198 -14.85 -22.38 7.38
N GLN A 199 -14.30 -23.59 7.26
CA GLN A 199 -14.71 -24.73 8.06
C GLN A 199 -14.10 -24.78 9.47
N ILE A 200 -12.96 -24.14 9.69
CA ILE A 200 -12.24 -24.26 10.96
C ILE A 200 -12.46 -23.09 11.94
N LEU A 201 -12.49 -21.88 11.41
CA LEU A 201 -12.49 -20.66 12.19
C LEU A 201 -13.84 -19.95 12.12
N PRO A 202 -14.16 -19.17 13.16
CA PRO A 202 -15.28 -18.24 13.05
C PRO A 202 -14.98 -17.11 12.06
N GLU A 203 -16.01 -16.35 11.73
CA GLU A 203 -15.92 -15.27 10.75
C GLU A 203 -14.94 -14.19 11.16
N TYR A 204 -14.89 -13.88 12.46
CA TYR A 204 -13.90 -12.97 12.99
C TYR A 204 -12.97 -13.73 13.91
N VAL A 205 -11.68 -13.42 13.82
CA VAL A 205 -10.65 -14.03 14.64
C VAL A 205 -9.73 -12.97 15.22
N ARG A 206 -8.97 -13.34 16.23
CA ARG A 206 -7.77 -12.59 16.57
C ARG A 206 -6.54 -13.36 16.13
N VAL A 207 -5.48 -12.60 15.81
CA VAL A 207 -4.26 -13.16 15.29
C VAL A 207 -3.11 -12.68 16.15
N GLY A 208 -2.10 -13.53 16.24
CA GLY A 208 -0.91 -13.16 17.01
C GLY A 208 0.01 -14.31 17.31
N PHE A 209 0.75 -14.15 18.40
CA PHE A 209 1.85 -15.02 18.78
C PHE A 209 1.62 -15.64 20.14
N THR A 210 2.21 -16.81 20.31
CA THR A 210 2.29 -17.46 21.60
C THR A 210 3.64 -18.15 21.67
N ALA A 211 4.16 -18.27 22.88
CA ALA A 211 5.41 -18.98 23.10
C ALA A 211 5.48 -19.46 24.54
N ALA A 212 6.22 -20.55 24.75
CA ALA A 212 6.35 -21.16 26.07
C ALA A 212 7.77 -21.68 26.27
N SER A 213 8.33 -21.42 27.45
CA SER A 213 9.60 -22.03 27.87
C SER A 213 9.35 -23.39 28.50
N GLY A 214 10.41 -24.19 28.67
CA GLY A 214 10.25 -25.55 29.14
C GLY A 214 9.76 -25.68 30.57
N LEU A 215 9.15 -26.82 30.88
CA LEU A 215 8.63 -27.07 32.23
C LEU A 215 9.66 -27.64 33.20
N SER A 216 10.94 -27.64 32.84
CA SER A 216 12.01 -27.92 33.80
C SER A 216 13.07 -26.86 33.68
N LYS A 217 13.82 -26.64 34.75
CA LYS A 217 14.69 -25.47 34.84
C LYS A 217 15.91 -25.48 33.92
N ASP A 218 16.32 -26.65 33.46
CA ASP A 218 17.41 -26.77 32.50
C ASP A 218 16.95 -26.80 31.03
N HIS A 219 15.64 -26.72 30.78
CA HIS A 219 15.11 -26.71 29.42
C HIS A 219 14.44 -25.38 29.10
N VAL A 220 15.25 -24.36 28.88
CA VAL A 220 14.73 -22.99 28.76
C VAL A 220 15.28 -22.29 27.54
N GLU A 221 14.53 -21.30 27.08
CA GLU A 221 14.95 -20.41 25.99
C GLU A 221 14.09 -19.15 26.02
N THR A 222 14.59 -18.09 25.42
CA THR A 222 13.82 -16.86 25.19
C THR A 222 13.06 -16.96 23.87
N HIS A 223 11.99 -16.17 23.74
CA HIS A 223 11.19 -16.08 22.53
C HIS A 223 10.78 -14.63 22.29
N ASP A 224 11.54 -13.90 21.45
CA ASP A 224 11.29 -12.48 21.19
C ASP A 224 10.83 -12.26 19.75
N VAL A 225 9.79 -11.45 19.56
CA VAL A 225 9.36 -11.02 18.22
C VAL A 225 9.86 -9.58 18.04
N LEU A 226 10.58 -9.34 16.95
CA LEU A 226 11.25 -8.06 16.70
C LEU A 226 10.42 -7.10 15.85
N ALA A 227 9.58 -7.64 14.98
CA ALA A 227 8.84 -6.87 14.01
C ALA A 227 7.73 -7.73 13.46
N TRP A 228 6.66 -7.09 12.99
CA TRP A 228 5.46 -7.81 12.56
C TRP A 228 4.66 -6.94 11.60
N THR A 229 4.33 -7.51 10.44
CA THR A 229 3.33 -6.92 9.56
C THR A 229 2.21 -7.91 9.29
N PHE A 230 1.03 -7.39 9.01
CA PHE A 230 -0.15 -8.19 8.71
C PHE A 230 -1.00 -7.44 7.69
N ASP A 231 -1.52 -8.15 6.70
CA ASP A 231 -2.44 -7.62 5.68
C ASP A 231 -3.48 -8.69 5.37
N SER A 232 -4.76 -8.36 5.51
CA SER A 232 -5.85 -9.23 5.07
C SER A 232 -6.78 -8.50 4.11
N ASP A 233 -7.34 -9.26 3.18
CA ASP A 233 -8.19 -8.74 2.11
C ASP A 233 -9.37 -9.70 1.91
N LEU A 234 -10.56 -9.26 2.33
CA LEU A 234 -11.79 -9.99 2.14
C LEU A 234 -12.46 -9.41 0.89
N PRO A 235 -12.46 -10.15 -0.22
CA PRO A 235 -12.94 -9.56 -1.49
C PRO A 235 -14.45 -9.44 -1.59
N ASP A 236 -14.90 -8.66 -2.56
CA ASP A 236 -16.31 -8.68 -2.97
C ASP A 236 -16.67 -10.04 -3.51
N PRO A 237 -17.95 -10.43 -3.40
CA PRO A 237 -18.37 -11.71 -3.99
C PRO A 237 -18.25 -11.73 -5.51
N SER A 238 -18.01 -12.94 -6.04
CA SER A 238 -17.73 -13.13 -7.47
C SER A 238 -18.98 -13.66 -8.11
N LYS B 1 13.52 9.26 0.14
CA LYS B 1 12.87 7.93 -0.02
C LYS B 1 12.22 7.84 -1.39
N GLU B 2 12.40 6.70 -2.07
CA GLU B 2 11.80 6.46 -3.36
C GLU B 2 11.22 5.06 -3.38
N THR B 3 9.98 4.93 -3.86
CA THR B 3 9.36 3.61 -4.08
C THR B 3 8.80 3.52 -5.49
N THR B 4 8.74 2.30 -5.98
CA THR B 4 8.12 1.95 -7.25
C THR B 4 7.31 0.69 -7.05
N SER B 5 6.08 0.66 -7.56
CA SER B 5 5.23 -0.52 -7.55
C SER B 5 4.42 -0.65 -8.81
N PHE B 6 4.08 -1.89 -9.11
CA PHE B 6 3.11 -2.19 -10.13
C PHE B 6 2.49 -3.57 -9.94
N VAL B 7 1.29 -3.73 -10.49
CA VAL B 7 0.54 -4.97 -10.40
C VAL B 7 -0.06 -5.25 -11.78
N PHE B 8 0.07 -6.49 -12.23
CA PHE B 8 -0.68 -7.03 -13.36
C PHE B 8 -1.32 -8.32 -12.85
N THR B 9 -2.64 -8.37 -12.73
CA THR B 9 -3.32 -9.66 -12.47
C THR B 9 -3.59 -10.40 -13.78
N ARG B 10 -3.44 -9.70 -14.88
CA ARG B 10 -3.40 -10.27 -16.22
C ARG B 10 -2.80 -9.22 -17.13
N PHE B 11 -2.51 -9.59 -18.36
CA PHE B 11 -1.83 -8.69 -19.30
C PHE B 11 -2.76 -8.32 -20.44
N SER B 12 -2.69 -7.06 -20.86
CA SER B 12 -3.47 -6.53 -21.99
C SER B 12 -2.69 -6.65 -23.27
N PRO B 13 -3.37 -6.81 -24.43
CA PRO B 13 -2.62 -6.79 -25.69
C PRO B 13 -1.95 -5.44 -25.90
N ASP B 14 -0.79 -5.42 -26.53
CA ASP B 14 -0.01 -4.19 -26.69
C ASP B 14 0.27 -3.43 -25.36
N PRO B 15 0.96 -4.10 -24.43
CA PRO B 15 1.22 -3.47 -23.12
C PRO B 15 2.36 -2.47 -23.23
N GLN B 16 2.02 -1.19 -23.36
CA GLN B 16 3.01 -0.15 -23.61
C GLN B 16 3.89 0.21 -22.42
N ASN B 17 3.54 -0.27 -21.22
CA ASN B 17 4.46 -0.15 -20.08
C ASN B 17 5.36 -1.39 -19.88
N LEU B 18 5.39 -2.30 -20.83
CA LEU B 18 6.37 -3.38 -20.87
C LEU B 18 7.22 -3.26 -22.13
N LEU B 19 8.51 -3.55 -22.01
CA LEU B 19 9.41 -3.72 -23.13
C LEU B 19 9.40 -5.21 -23.48
N LEU B 20 8.76 -5.57 -24.57
CA LEU B 20 8.76 -6.94 -25.04
C LEU B 20 9.96 -7.10 -25.98
N GLN B 21 10.76 -8.15 -25.76
CA GLN B 21 11.95 -8.40 -26.56
C GLN B 21 11.88 -9.82 -27.09
N GLY B 22 12.53 -10.06 -28.24
CA GLY B 22 12.49 -11.35 -28.92
C GLY B 22 11.07 -11.75 -29.26
N ASP B 23 10.69 -12.98 -28.96
CA ASP B 23 9.43 -13.55 -29.46
C ASP B 23 8.19 -13.26 -28.62
N THR B 24 8.31 -12.49 -27.54
CA THR B 24 7.22 -12.36 -26.59
C THR B 24 5.97 -11.75 -27.19
N VAL B 25 4.82 -12.35 -26.93
CA VAL B 25 3.52 -11.74 -27.24
C VAL B 25 2.58 -11.89 -26.04
N VAL B 26 1.49 -11.14 -26.06
CA VAL B 26 0.42 -11.29 -25.11
C VAL B 26 -0.70 -12.12 -25.74
N THR B 27 -1.17 -13.14 -25.05
CA THR B 27 -2.25 -13.97 -25.60
C THR B 27 -3.58 -13.29 -25.36
N SER B 28 -4.60 -13.74 -26.11
CA SER B 28 -5.96 -13.22 -25.92
C SER B 28 -6.52 -13.64 -24.54
N SER B 29 -6.03 -14.75 -23.98
CA SER B 29 -6.36 -15.11 -22.60
C SER B 29 -5.63 -14.24 -21.54
N GLY B 30 -4.78 -13.30 -21.95
CA GLY B 30 -4.15 -12.34 -21.04
C GLY B 30 -2.83 -12.81 -20.41
N HIS B 31 -2.15 -13.75 -21.05
CA HIS B 31 -0.88 -14.28 -20.55
C HIS B 31 0.27 -13.66 -21.32
N LEU B 32 1.40 -13.54 -20.66
CA LEU B 32 2.64 -13.12 -21.28
C LEU B 32 3.30 -14.38 -21.80
N GLN B 33 3.24 -14.56 -23.12
CA GLN B 33 3.72 -15.77 -23.76
C GLN B 33 5.15 -15.53 -24.24
N LEU B 34 6.13 -15.97 -23.45
CA LEU B 34 7.50 -15.57 -23.68
C LEU B 34 8.11 -16.30 -24.90
N THR B 35 7.78 -17.57 -25.10
CA THR B 35 8.29 -18.33 -26.23
C THR B 35 7.15 -18.72 -27.17
N GLN B 36 7.49 -18.83 -28.46
CA GLN B 36 6.50 -18.97 -29.52
C GLN B 36 5.67 -20.23 -29.43
N VAL B 37 4.40 -20.07 -29.75
CA VAL B 37 3.48 -21.19 -29.92
C VAL B 37 2.91 -21.08 -31.33
N LYS B 38 2.93 -22.20 -32.05
CA LYS B 38 2.37 -22.27 -33.39
C LYS B 38 1.48 -23.50 -33.48
N ASP B 39 0.21 -23.29 -33.83
CA ASP B 39 -0.81 -24.35 -33.88
C ASP B 39 -0.91 -25.13 -32.57
N GLY B 40 -0.96 -24.38 -31.47
CA GLY B 40 -1.04 -24.97 -30.13
C GLY B 40 0.19 -25.73 -29.65
N GLU B 41 1.31 -25.67 -30.37
CA GLU B 41 2.53 -26.39 -30.00
C GLU B 41 3.69 -25.42 -29.83
N PRO B 42 4.55 -25.65 -28.83
CA PRO B 42 5.70 -24.78 -28.63
C PRO B 42 6.71 -24.94 -29.75
N VAL B 43 7.32 -23.82 -30.14
CA VAL B 43 8.31 -23.78 -31.22
C VAL B 43 9.70 -23.81 -30.60
N TYR B 44 10.59 -24.59 -31.22
CA TYR B 44 11.96 -24.71 -30.73
C TYR B 44 12.76 -23.47 -31.07
N SER B 45 13.89 -23.32 -30.40
CA SER B 45 14.81 -22.24 -30.65
C SER B 45 14.18 -20.83 -30.52
N SER B 46 13.23 -20.69 -29.60
CA SER B 46 12.53 -19.43 -29.38
C SER B 46 13.04 -18.80 -28.07
N LEU B 47 13.09 -17.48 -28.06
CA LEU B 47 13.59 -16.71 -26.94
C LEU B 47 12.74 -15.45 -26.84
N GLY B 48 12.21 -15.16 -25.65
CA GLY B 48 11.48 -13.91 -25.42
C GLY B 48 11.68 -13.37 -24.02
N ARG B 49 11.68 -12.05 -23.91
CA ARG B 49 11.84 -11.35 -22.66
C ARG B 49 10.76 -10.29 -22.55
N ALA B 50 10.54 -9.83 -21.31
CA ALA B 50 9.59 -8.77 -21.01
C ALA B 50 10.09 -8.04 -19.78
N LEU B 51 10.30 -6.74 -19.92
CA LEU B 51 10.81 -5.87 -18.87
C LEU B 51 9.77 -4.80 -18.55
N TYR B 52 9.69 -4.39 -17.29
CA TYR B 52 8.91 -3.21 -16.96
C TYR B 52 9.62 -1.99 -17.58
N TYR B 53 8.82 -1.08 -18.14
CA TYR B 53 9.36 0.04 -18.88
C TYR B 53 10.23 0.97 -18.04
N ALA B 54 9.81 1.29 -16.84
CA ALA B 54 10.56 2.23 -15.99
C ALA B 54 11.77 1.56 -15.37
N PRO B 55 12.93 2.22 -15.45
CA PRO B 55 14.04 1.85 -14.59
C PRO B 55 13.66 1.87 -13.11
N ILE B 56 14.21 0.93 -12.36
CA ILE B 56 14.01 0.81 -10.95
C ILE B 56 15.28 1.31 -10.25
N HIS B 57 15.10 2.19 -9.26
CA HIS B 57 16.21 2.75 -8.52
C HIS B 57 16.55 1.77 -7.39
N ILE B 58 17.60 0.99 -7.61
CA ILE B 58 17.93 -0.14 -6.75
C ILE B 58 18.97 0.23 -5.66
N TRP B 59 19.85 1.17 -5.95
CA TRP B 59 20.70 1.78 -4.91
C TRP B 59 21.15 3.17 -5.33
N ASP B 60 21.65 3.94 -4.37
CA ASP B 60 22.01 5.33 -4.61
C ASP B 60 23.37 5.62 -3.99
N SER B 61 24.35 5.92 -4.83
CA SER B 61 25.73 6.18 -4.37
C SER B 61 25.83 7.46 -3.54
N ASN B 62 25.01 8.47 -3.83
CA ASN B 62 25.06 9.72 -3.06
C ASN B 62 24.72 9.52 -1.59
N THR B 63 23.59 8.88 -1.33
CA THR B 63 23.12 8.62 0.04
C THR B 63 23.65 7.30 0.60
N ASP B 64 24.37 6.53 -0.20
CA ASP B 64 24.84 5.19 0.14
C ASP B 64 23.72 4.29 0.73
N THR B 65 22.58 4.25 0.04
CA THR B 65 21.44 3.42 0.45
C THR B 65 21.18 2.36 -0.61
N VAL B 66 20.60 1.25 -0.18
CA VAL B 66 20.24 0.15 -1.08
C VAL B 66 18.78 -0.21 -0.84
N ALA B 67 18.07 -0.49 -1.93
CA ALA B 67 16.64 -0.78 -1.86
C ALA B 67 16.35 -2.19 -1.38
N ASN B 68 15.23 -2.33 -0.69
CA ASN B 68 14.57 -3.62 -0.58
C ASN B 68 13.65 -3.78 -1.78
N PHE B 69 13.38 -5.01 -2.17
CA PHE B 69 12.30 -5.26 -3.11
C PHE B 69 11.64 -6.60 -2.89
N VAL B 70 10.42 -6.72 -3.41
CA VAL B 70 9.72 -7.98 -3.44
C VAL B 70 8.90 -8.04 -4.72
N THR B 71 8.97 -9.19 -5.39
CA THR B 71 8.19 -9.43 -6.58
C THR B 71 7.50 -10.77 -6.42
N SER B 72 6.27 -10.86 -6.93
CA SER B 72 5.55 -12.13 -7.00
C SER B 72 5.05 -12.30 -8.41
N PHE B 73 4.98 -13.54 -8.87
CA PHE B 73 4.42 -13.85 -10.17
C PHE B 73 3.98 -15.29 -10.23
N SER B 74 3.12 -15.56 -11.19
CA SER B 74 2.61 -16.89 -11.46
C SER B 74 3.05 -17.25 -12.86
N PHE B 75 3.54 -18.47 -13.05
CA PHE B 75 3.93 -18.93 -14.37
C PHE B 75 3.53 -20.37 -14.60
N VAL B 76 3.49 -20.74 -15.88
CA VAL B 76 3.20 -22.11 -16.31
C VAL B 76 4.20 -22.50 -17.40
N ILE B 77 4.78 -23.69 -17.23
CA ILE B 77 5.58 -24.34 -18.25
C ILE B 77 4.84 -25.61 -18.66
N ASP B 78 4.59 -25.75 -19.96
CA ASP B 78 3.90 -26.91 -20.55
C ASP B 78 4.80 -27.55 -21.60
N ALA B 79 5.37 -28.70 -21.26
CA ALA B 79 6.25 -29.47 -22.14
C ALA B 79 5.46 -30.65 -22.68
N PRO B 80 5.37 -30.79 -24.02
CA PRO B 80 4.72 -32.00 -24.60
C PRO B 80 5.31 -33.31 -24.07
N ASN B 81 6.63 -33.34 -23.85
CA ASN B 81 7.29 -34.48 -23.22
C ASN B 81 8.16 -33.92 -22.10
N LYS B 82 7.78 -34.23 -20.87
CA LYS B 82 8.45 -33.67 -19.70
C LYS B 82 9.94 -34.02 -19.60
N ALA B 83 10.30 -35.25 -19.96
CA ALA B 83 11.71 -35.67 -19.97
C ALA B 83 12.58 -34.86 -20.93
N LYS B 84 12.00 -34.35 -22.01
CA LYS B 84 12.72 -33.53 -22.98
C LYS B 84 12.45 -32.02 -22.80
N ALA B 85 12.03 -31.59 -21.62
CA ALA B 85 11.79 -30.17 -21.35
C ALA B 85 13.08 -29.35 -21.55
N ALA B 86 12.97 -28.20 -22.21
CA ALA B 86 14.08 -27.23 -22.29
C ALA B 86 13.54 -25.86 -22.70
N ASP B 87 14.19 -24.74 -22.34
CA ASP B 87 15.33 -24.63 -21.43
C ASP B 87 14.99 -24.01 -20.07
N GLY B 88 13.98 -23.15 -20.03
CA GLY B 88 13.48 -22.61 -18.77
C GLY B 88 13.16 -21.14 -18.82
N LEU B 89 12.95 -20.59 -17.63
CA LEU B 89 12.44 -19.25 -17.43
C LEU B 89 13.25 -18.62 -16.30
N ALA B 90 13.49 -17.31 -16.37
CA ALA B 90 14.13 -16.60 -15.28
C ALA B 90 13.49 -15.25 -15.06
N PHE B 91 13.49 -14.83 -13.80
CA PHE B 91 13.25 -13.45 -13.42
C PHE B 91 14.62 -12.82 -13.24
N PHE B 92 14.80 -11.59 -13.70
CA PHE B 92 16.10 -10.97 -13.63
C PHE B 92 16.10 -9.45 -13.49
N LEU B 93 17.24 -8.96 -13.02
CA LEU B 93 17.58 -7.55 -12.96
C LEU B 93 18.85 -7.34 -13.80
N ALA B 94 18.86 -6.29 -14.60
CA ALA B 94 19.94 -6.03 -15.56
C ALA B 94 20.05 -4.52 -15.83
N PRO B 95 21.15 -4.08 -16.50
CA PRO B 95 21.25 -2.66 -16.84
C PRO B 95 20.03 -2.19 -17.68
N VAL B 96 19.76 -0.90 -17.60
CA VAL B 96 18.57 -0.34 -18.25
C VAL B 96 18.52 -0.65 -19.73
N ASP B 97 19.68 -0.62 -20.39
CA ASP B 97 19.78 -0.88 -21.83
C ASP B 97 19.90 -2.38 -22.23
N THR B 98 19.61 -3.30 -21.30
CA THR B 98 19.74 -4.74 -21.56
C THR B 98 18.98 -5.21 -22.80
N GLU B 99 19.61 -6.08 -23.56
CA GLU B 99 19.07 -6.68 -24.79
C GLU B 99 19.21 -8.20 -24.66
N PRO B 100 18.35 -8.96 -25.37
CA PRO B 100 18.45 -10.41 -25.37
C PRO B 100 19.82 -10.89 -25.85
N GLN B 101 20.37 -11.90 -25.17
CA GLN B 101 21.66 -12.49 -25.53
C GLN B 101 21.39 -13.87 -26.16
N LYS B 102 22.22 -14.87 -25.89
CA LYS B 102 22.11 -16.17 -26.54
C LYS B 102 20.88 -16.96 -26.11
N PRO B 103 20.27 -17.70 -27.05
CA PRO B 103 19.12 -18.53 -26.76
C PRO B 103 19.48 -19.86 -26.04
N GLY B 104 18.53 -20.79 -25.98
CA GLY B 104 18.75 -22.10 -25.39
C GLY B 104 19.12 -22.04 -23.90
N GLY B 105 20.14 -22.80 -23.53
CA GLY B 105 20.55 -22.92 -22.14
C GLY B 105 21.09 -21.67 -21.48
N LEU B 106 21.47 -20.66 -22.28
CA LEU B 106 21.88 -19.37 -21.75
C LEU B 106 20.70 -18.41 -21.46
N LEU B 107 19.48 -18.86 -21.80
CA LEU B 107 18.20 -18.26 -21.35
C LEU B 107 17.95 -16.82 -21.79
N GLY B 108 18.68 -16.38 -22.81
CA GLY B 108 18.64 -15.00 -23.26
C GLY B 108 19.35 -14.03 -22.35
N LEU B 109 20.07 -14.54 -21.36
CA LEU B 109 20.69 -13.69 -20.35
C LEU B 109 22.15 -13.38 -20.62
N PHE B 110 22.88 -14.37 -21.11
CA PHE B 110 24.34 -14.31 -21.22
C PHE B 110 24.78 -14.62 -22.64
N HIS B 111 25.93 -14.06 -23.02
CA HIS B 111 26.56 -14.26 -24.31
C HIS B 111 27.32 -15.59 -24.37
N ASP B 112 27.78 -16.06 -23.22
CA ASP B 112 28.53 -17.32 -23.12
C ASP B 112 28.30 -17.90 -21.72
N ASP B 113 28.89 -19.07 -21.47
CA ASP B 113 28.72 -19.75 -20.20
C ASP B 113 29.76 -19.40 -19.11
N ARG B 114 30.48 -18.29 -19.28
CA ARG B 114 31.50 -17.88 -18.33
C ARG B 114 30.99 -16.80 -17.39
N HIS B 115 31.76 -16.56 -16.34
CA HIS B 115 31.49 -15.54 -15.36
C HIS B 115 32.12 -14.24 -15.83
N ASN B 116 31.38 -13.14 -15.77
CA ASN B 116 31.91 -11.83 -16.15
C ASN B 116 31.19 -10.72 -15.40
N LYS B 117 31.92 -9.96 -14.58
CA LYS B 117 31.32 -8.93 -13.75
C LYS B 117 30.69 -7.78 -14.54
N SER B 118 31.08 -7.61 -15.80
CA SER B 118 30.45 -6.62 -16.66
C SER B 118 29.07 -7.01 -17.18
N ASN B 119 28.64 -8.25 -16.97
CA ASN B 119 27.24 -8.61 -17.25
C ASN B 119 26.25 -7.76 -16.43
N HIS B 120 26.59 -7.50 -15.17
CA HIS B 120 25.68 -6.85 -14.23
C HIS B 120 24.29 -7.50 -14.24
N ILE B 121 24.24 -8.81 -14.04
CA ILE B 121 22.97 -9.54 -14.01
C ILE B 121 22.81 -10.32 -12.70
N VAL B 122 21.62 -10.18 -12.12
CA VAL B 122 21.17 -11.04 -11.03
C VAL B 122 19.89 -11.68 -11.53
N ALA B 123 19.80 -12.99 -11.41
CA ALA B 123 18.63 -13.72 -11.90
C ALA B 123 18.27 -14.87 -11.00
N VAL B 124 16.99 -15.23 -11.04
CA VAL B 124 16.52 -16.48 -10.45
C VAL B 124 15.97 -17.30 -11.60
N GLU B 125 16.55 -18.47 -11.80
CA GLU B 125 16.21 -19.34 -12.94
C GLU B 125 15.41 -20.55 -12.51
N PHE B 126 14.54 -20.98 -13.41
CA PHE B 126 13.73 -22.17 -13.29
C PHE B 126 14.15 -23.00 -14.49
N ASP B 127 15.12 -23.88 -14.24
CA ASP B 127 15.95 -24.48 -15.26
C ASP B 127 15.51 -25.92 -15.53
N THR B 128 15.00 -26.15 -16.74
CA THR B 128 14.38 -27.44 -17.08
C THR B 128 15.28 -28.39 -17.88
N PHE B 129 16.50 -27.97 -18.23
CA PHE B 129 17.40 -28.79 -19.03
C PHE B 129 18.81 -28.76 -18.47
N LYS B 130 19.40 -29.94 -18.28
CA LYS B 130 20.74 -30.06 -17.74
C LYS B 130 21.80 -29.78 -18.81
N ASN B 131 22.36 -28.58 -18.77
CA ASN B 131 23.53 -28.22 -19.56
C ASN B 131 24.79 -28.73 -18.88
N SER B 132 25.93 -28.59 -19.56
CA SER B 132 27.21 -29.07 -19.04
C SER B 132 27.61 -28.43 -17.72
N TRP B 133 27.19 -27.18 -17.51
CA TRP B 133 27.46 -26.44 -16.27
C TRP B 133 26.42 -26.66 -15.15
N ASP B 134 25.34 -27.42 -15.41
CA ASP B 134 24.23 -27.54 -14.47
C ASP B 134 24.38 -28.68 -13.49
N PRO B 135 23.75 -28.57 -12.31
CA PRO B 135 23.65 -29.75 -11.44
C PRO B 135 22.75 -30.81 -12.07
N GLU B 136 22.77 -32.01 -11.51
CA GLU B 136 21.84 -33.06 -11.91
C GLU B 136 20.42 -32.66 -11.56
N GLY B 137 19.51 -32.86 -12.51
CA GLY B 137 18.10 -32.63 -12.30
C GLY B 137 17.66 -31.21 -12.54
N THR B 138 16.37 -31.06 -12.83
CA THR B 138 15.75 -29.75 -12.93
C THR B 138 15.89 -29.00 -11.60
N HIS B 139 16.08 -27.69 -11.67
CA HIS B 139 16.46 -26.94 -10.49
C HIS B 139 16.10 -25.47 -10.59
N ILE B 140 16.03 -24.84 -9.42
CA ILE B 140 15.92 -23.40 -9.26
C ILE B 140 17.30 -22.92 -8.86
N GLY B 141 17.73 -21.80 -9.43
CA GLY B 141 19.07 -21.29 -9.23
C GLY B 141 19.06 -19.80 -9.02
N ILE B 142 19.97 -19.33 -8.18
CA ILE B 142 20.30 -17.91 -8.04
C ILE B 142 21.60 -17.68 -8.83
N ASN B 143 21.53 -16.75 -9.78
CA ASN B 143 22.62 -16.51 -10.74
C ASN B 143 23.11 -15.10 -10.58
N VAL B 144 24.44 -14.94 -10.52
CA VAL B 144 25.06 -13.63 -10.39
C VAL B 144 26.15 -13.57 -11.45
N ASN B 145 25.88 -12.83 -12.53
CA ASN B 145 26.89 -12.57 -13.58
C ASN B 145 27.36 -13.81 -14.34
N SER B 146 26.57 -14.87 -14.30
CA SER B 146 26.92 -16.13 -14.91
C SER B 146 25.70 -17.03 -14.98
N ILE B 147 25.63 -17.83 -16.03
CA ILE B 147 24.65 -18.92 -16.12
C ILE B 147 24.97 -20.05 -15.12
N VAL B 148 26.19 -20.08 -14.59
CA VAL B 148 26.60 -21.07 -13.63
C VAL B 148 26.15 -20.58 -12.26
N SER B 149 25.04 -21.13 -11.77
CA SER B 149 24.40 -20.57 -10.58
C SER B 149 25.31 -20.57 -9.34
N ARG B 150 25.18 -19.51 -8.58
CA ARG B 150 25.81 -19.41 -7.27
C ARG B 150 25.25 -20.45 -6.27
N LYS B 151 23.96 -20.73 -6.38
CA LYS B 151 23.29 -21.68 -5.50
C LYS B 151 22.10 -22.28 -6.23
N THR B 152 21.88 -23.58 -6.09
CA THR B 152 20.73 -24.26 -6.69
C THR B 152 20.01 -25.16 -5.69
N ILE B 153 18.73 -25.42 -5.92
CA ILE B 153 17.99 -26.52 -5.28
C ILE B 153 17.22 -27.30 -6.33
N SER B 154 17.01 -28.59 -6.06
CA SER B 154 16.19 -29.42 -6.91
C SER B 154 14.76 -28.90 -6.93
N TRP B 155 14.14 -28.99 -8.10
CA TRP B 155 12.78 -28.55 -8.33
C TRP B 155 12.20 -29.47 -9.39
N ASP B 156 11.10 -30.13 -9.09
CA ASP B 156 10.41 -30.96 -10.05
C ASP B 156 9.36 -30.13 -10.77
N LEU B 157 9.55 -29.99 -12.08
CA LEU B 157 8.54 -29.32 -12.89
C LEU B 157 7.21 -30.06 -12.78
N GLU B 158 6.16 -29.35 -12.43
CA GLU B 158 4.81 -29.91 -12.46
C GLU B 158 4.17 -29.39 -13.73
N ASN B 159 4.15 -30.28 -14.71
CA ASN B 159 3.93 -29.94 -16.08
C ASN B 159 2.54 -29.33 -16.25
N ASP B 160 2.50 -28.13 -16.83
CA ASP B 160 1.27 -27.41 -17.07
C ASP B 160 0.46 -27.02 -15.80
N GLU B 161 1.13 -26.92 -14.65
CA GLU B 161 0.49 -26.47 -13.41
C GLU B 161 0.99 -25.05 -13.09
N VAL B 162 0.15 -24.28 -12.41
CA VAL B 162 0.50 -22.91 -12.07
C VAL B 162 1.49 -22.91 -10.88
N ALA B 163 2.63 -22.26 -11.08
CA ALA B 163 3.63 -22.03 -10.03
C ALA B 163 3.50 -20.60 -9.54
N ASN B 164 3.43 -20.42 -8.23
CA ASN B 164 3.42 -19.10 -7.59
C ASN B 164 4.78 -18.83 -6.97
N VAL B 165 5.45 -17.78 -7.44
CA VAL B 165 6.80 -17.45 -7.05
C VAL B 165 6.81 -16.15 -6.28
N VAL B 166 7.61 -16.08 -5.23
CA VAL B 166 7.94 -14.82 -4.56
C VAL B 166 9.46 -14.70 -4.50
N ILE B 167 10.00 -13.56 -4.89
CA ILE B 167 11.43 -13.27 -4.81
C ILE B 167 11.55 -11.96 -4.05
N SER B 168 12.36 -11.95 -3.01
CA SER B 168 12.54 -10.75 -2.21
C SER B 168 14.02 -10.51 -1.90
N TYR B 169 14.35 -9.25 -1.72
CA TYR B 169 15.68 -8.83 -1.36
C TYR B 169 15.65 -7.96 -0.11
N GLN B 170 16.42 -8.37 0.89
CA GLN B 170 16.54 -7.66 2.14
C GLN B 170 17.91 -6.98 2.14
N ALA B 171 17.92 -5.66 1.96
CA ALA B 171 19.18 -4.92 1.83
C ALA B 171 20.10 -5.05 3.07
N SER B 172 19.51 -4.99 4.27
CA SER B 172 20.28 -5.00 5.50
C SER B 172 21.10 -6.29 5.73
N THR B 173 20.67 -7.41 5.16
CA THR B 173 21.38 -8.68 5.26
C THR B 173 21.93 -9.14 3.90
N LYS B 174 21.78 -8.31 2.86
CA LYS B 174 22.17 -8.64 1.49
C LYS B 174 21.64 -9.99 1.00
N THR B 175 20.43 -10.34 1.41
CA THR B 175 19.89 -11.67 1.20
C THR B 175 18.78 -11.65 0.13
N LEU B 176 18.95 -12.49 -0.87
CA LEU B 176 17.97 -12.73 -1.90
C LEU B 176 17.28 -14.06 -1.62
N THR B 177 15.95 -14.03 -1.54
CA THR B 177 15.15 -15.21 -1.26
C THR B 177 14.20 -15.47 -2.43
N ALA B 178 14.06 -16.73 -2.82
CA ALA B 178 13.13 -17.13 -3.86
C ALA B 178 12.36 -18.36 -3.38
N SER B 179 11.04 -18.32 -3.51
CA SER B 179 10.18 -19.44 -3.18
C SER B 179 9.26 -19.76 -4.34
N LEU B 180 8.89 -21.03 -4.47
CA LEU B 180 7.94 -21.46 -5.48
C LEU B 180 6.99 -22.43 -4.84
N VAL B 181 5.68 -22.21 -5.05
CA VAL B 181 4.62 -23.08 -4.54
C VAL B 181 3.75 -23.56 -5.73
N TYR B 182 3.43 -24.85 -5.76
CA TYR B 182 2.38 -25.39 -6.61
C TYR B 182 1.16 -25.67 -5.71
N PRO B 183 0.17 -24.77 -5.69
CA PRO B 183 -1.01 -25.01 -4.85
C PRO B 183 -1.76 -26.29 -5.19
N SER B 184 -1.75 -26.68 -6.47
CA SER B 184 -2.46 -27.87 -6.95
C SER B 184 -2.00 -29.15 -6.25
N SER B 185 -0.70 -29.28 -5.98
CA SER B 185 -0.14 -30.46 -5.34
C SER B 185 0.39 -30.22 -3.92
N SER B 186 0.25 -29.00 -3.39
CA SER B 186 0.83 -28.63 -2.08
C SER B 186 2.32 -28.94 -1.97
N THR B 187 3.06 -28.57 -3.01
CA THR B 187 4.50 -28.76 -3.07
C THR B 187 5.14 -27.38 -3.02
N SER B 188 6.25 -27.24 -2.30
CA SER B 188 6.90 -25.94 -2.19
C SER B 188 8.43 -26.07 -2.11
N TYR B 189 9.08 -24.98 -2.49
CA TYR B 189 10.53 -24.88 -2.59
C TYR B 189 10.97 -23.50 -2.13
N ILE B 190 12.14 -23.41 -1.53
CA ILE B 190 12.69 -22.13 -1.17
C ILE B 190 14.22 -22.19 -1.17
N LEU B 191 14.85 -21.11 -1.56
CA LEU B 191 16.29 -20.97 -1.32
C LEU B 191 16.65 -19.53 -1.15
N ASN B 192 17.80 -19.31 -0.53
CA ASN B 192 18.27 -17.95 -0.36
C ASN B 192 19.78 -17.91 -0.34
N ASP B 193 20.32 -16.74 -0.67
CA ASP B 193 21.76 -16.56 -0.70
C ASP B 193 22.12 -15.09 -0.55
N VAL B 194 23.35 -14.84 -0.16
CA VAL B 194 23.91 -13.50 -0.07
C VAL B 194 24.22 -13.02 -1.49
N VAL B 195 23.64 -11.87 -1.86
CA VAL B 195 23.91 -11.26 -3.14
C VAL B 195 24.00 -9.77 -2.84
N ASP B 196 25.17 -9.17 -3.07
CA ASP B 196 25.41 -7.76 -2.75
C ASP B 196 25.06 -6.88 -3.96
N LEU B 197 23.82 -6.40 -4.02
CA LEU B 197 23.33 -5.68 -5.20
C LEU B 197 24.14 -4.45 -5.53
N LYS B 198 24.57 -3.71 -4.52
CA LYS B 198 25.40 -2.51 -4.69
C LYS B 198 26.69 -2.81 -5.47
N GLN B 199 27.28 -3.98 -5.23
CA GLN B 199 28.48 -4.41 -5.94
C GLN B 199 28.25 -5.00 -7.32
N ILE B 200 27.05 -5.53 -7.59
CA ILE B 200 26.78 -6.27 -8.84
C ILE B 200 26.09 -5.43 -9.92
N LEU B 201 25.11 -4.63 -9.50
CA LEU B 201 24.22 -3.94 -10.41
C LEU B 201 24.52 -2.44 -10.43
N PRO B 202 24.19 -1.77 -11.54
CA PRO B 202 24.20 -0.32 -11.53
C PRO B 202 23.05 0.22 -10.66
N GLU B 203 23.08 1.53 -10.42
CA GLU B 203 22.12 2.20 -9.56
C GLU B 203 20.68 2.06 -10.05
N TYR B 204 20.48 2.12 -11.36
CA TYR B 204 19.19 1.86 -11.97
C TYR B 204 19.27 0.59 -12.80
N VAL B 205 18.22 -0.21 -12.71
CA VAL B 205 18.09 -1.44 -13.48
C VAL B 205 16.73 -1.53 -14.14
N ARG B 206 16.58 -2.42 -15.10
CA ARG B 206 15.28 -2.90 -15.50
C ARG B 206 15.10 -4.32 -15.00
N VAL B 207 13.84 -4.68 -14.75
CA VAL B 207 13.46 -5.95 -14.17
C VAL B 207 12.44 -6.62 -15.04
N GLY B 208 12.48 -7.95 -15.05
CA GLY B 208 11.53 -8.70 -15.84
C GLY B 208 11.85 -10.16 -16.00
N PHE B 209 11.34 -10.72 -17.09
CA PHE B 209 11.37 -12.14 -17.37
C PHE B 209 12.09 -12.44 -18.66
N THR B 210 12.66 -13.62 -18.72
CA THR B 210 13.21 -14.18 -19.92
C THR B 210 12.92 -15.67 -19.92
N ALA B 211 12.78 -16.25 -21.10
CA ALA B 211 12.59 -17.66 -21.24
C ALA B 211 13.03 -18.12 -22.62
N ALA B 212 13.43 -19.38 -22.70
CA ALA B 212 13.93 -19.96 -23.96
C ALA B 212 13.49 -21.40 -24.09
N SER B 213 13.03 -21.77 -25.29
CA SER B 213 12.75 -23.18 -25.63
C SER B 213 14.03 -23.84 -26.14
N GLY B 214 14.02 -25.17 -26.20
CA GLY B 214 15.24 -25.92 -26.53
C GLY B 214 15.72 -25.71 -27.96
N LEU B 215 17.02 -25.95 -28.16
CA LEU B 215 17.64 -25.78 -29.48
C LEU B 215 17.51 -27.00 -30.40
N SER B 216 16.69 -27.98 -30.03
CA SER B 216 16.33 -29.06 -30.95
C SER B 216 14.83 -29.25 -30.91
N LYS B 217 14.28 -29.78 -31.98
CA LYS B 217 12.83 -29.76 -32.21
C LYS B 217 12.00 -30.63 -31.26
N ASP B 218 12.63 -31.65 -30.68
CA ASP B 218 11.97 -32.51 -29.69
C ASP B 218 12.17 -32.05 -28.23
N HIS B 219 12.90 -30.95 -28.02
CA HIS B 219 13.13 -30.44 -26.65
C HIS B 219 12.47 -29.07 -26.48
N VAL B 220 11.15 -29.06 -26.35
CA VAL B 220 10.39 -27.83 -26.36
C VAL B 220 9.41 -27.77 -25.20
N GLU B 221 9.05 -26.53 -24.85
CA GLU B 221 8.01 -26.26 -23.85
C GLU B 221 7.57 -24.81 -24.01
N THR B 222 6.37 -24.51 -23.51
CA THR B 222 5.87 -23.14 -23.42
C THR B 222 6.34 -22.51 -22.10
N HIS B 223 6.36 -21.17 -22.07
CA HIS B 223 6.71 -20.40 -20.88
C HIS B 223 5.80 -19.18 -20.77
N ASP B 224 4.72 -19.28 -20.00
CA ASP B 224 3.75 -18.20 -19.84
C ASP B 224 3.77 -17.62 -18.44
N VAL B 225 3.76 -16.29 -18.34
CA VAL B 225 3.60 -15.59 -17.07
C VAL B 225 2.14 -15.09 -17.03
N LEU B 226 1.43 -15.44 -15.95
CA LEU B 226 0.00 -15.15 -15.80
C LEU B 226 -0.29 -13.85 -15.05
N ALA B 227 0.62 -13.46 -14.15
CA ALA B 227 0.40 -12.32 -13.26
C ALA B 227 1.74 -11.94 -12.69
N TRP B 228 1.87 -10.67 -12.29
CA TRP B 228 3.14 -10.14 -11.79
C TRP B 228 2.90 -8.92 -10.93
N THR B 229 3.47 -8.92 -9.72
CA THR B 229 3.57 -7.71 -8.91
C THR B 229 5.03 -7.42 -8.58
N PHE B 230 5.33 -6.14 -8.37
CA PHE B 230 6.66 -5.69 -7.99
C PHE B 230 6.54 -4.49 -7.07
N ASP B 231 7.36 -4.46 -6.02
CA ASP B 231 7.45 -3.34 -5.06
C ASP B 231 8.92 -3.16 -4.68
N SER B 232 9.46 -1.96 -4.87
CA SER B 232 10.80 -1.61 -4.37
C SER B 232 10.73 -0.37 -3.51
N ASP B 233 11.61 -0.32 -2.51
CA ASP B 233 11.67 0.76 -1.53
C ASP B 233 13.13 1.10 -1.25
N LEU B 234 13.55 2.27 -1.72
CA LEU B 234 14.89 2.81 -1.47
C LEU B 234 14.74 3.79 -0.31
N PRO B 235 15.25 3.42 0.87
CA PRO B 235 15.00 4.24 2.06
C PRO B 235 15.84 5.52 2.11
N ASP B 236 15.42 6.44 2.98
CA ASP B 236 16.26 7.58 3.35
C ASP B 236 17.52 7.09 4.03
N PRO B 237 18.61 7.88 3.91
CA PRO B 237 19.84 7.49 4.61
C PRO B 237 19.68 7.52 6.13
N SER B 238 20.47 6.70 6.82
CA SER B 238 20.67 6.75 8.25
C SER B 238 21.85 7.66 8.58
N LYS C 1 -6.85 -6.64 -13.62
CA LYS C 1 -6.54 -5.46 -12.78
C LYS C 1 -5.07 -5.06 -12.99
N GLU C 2 -4.84 -3.76 -13.15
CA GLU C 2 -3.50 -3.22 -13.29
C GLU C 2 -3.35 -2.00 -12.41
N THR C 3 -2.26 -1.93 -11.64
CA THR C 3 -1.94 -0.73 -10.85
C THR C 3 -0.51 -0.28 -11.13
N THR C 4 -0.28 1.01 -10.96
CA THR C 4 1.04 1.63 -11.01
C THR C 4 1.15 2.61 -9.84
N SER C 5 2.26 2.56 -9.11
CA SER C 5 2.55 3.52 -8.07
C SER C 5 4.00 3.89 -8.02
N PHE C 6 4.24 5.10 -7.53
CA PHE C 6 5.57 5.54 -7.21
C PHE C 6 5.56 6.70 -6.21
N VAL C 7 6.67 6.83 -5.48
CA VAL C 7 6.84 7.85 -4.47
C VAL C 7 8.24 8.43 -4.64
N PHE C 8 8.34 9.75 -4.61
CA PHE C 8 9.60 10.47 -4.42
C PHE C 8 9.36 11.43 -3.27
N THR C 9 10.02 11.26 -2.14
CA THR C 9 9.99 12.29 -1.08
C THR C 9 11.07 13.34 -1.32
N ARG C 10 11.99 13.03 -2.23
CA ARG C 10 12.93 13.99 -2.78
C ARG C 10 13.50 13.34 -4.04
N PHE C 11 14.25 14.09 -4.81
CA PHE C 11 14.73 13.61 -6.11
C PHE C 11 16.24 13.45 -6.07
N SER C 12 16.73 12.40 -6.73
CA SER C 12 18.17 12.12 -6.86
C SER C 12 18.70 12.74 -8.13
N PRO C 13 20.00 13.11 -8.15
CA PRO C 13 20.56 13.59 -9.42
C PRO C 13 20.54 12.50 -10.46
N ASP C 14 20.36 12.87 -11.72
CA ASP C 14 20.22 11.90 -12.81
C ASP C 14 19.12 10.82 -12.57
N PRO C 15 17.87 11.26 -12.41
CA PRO C 15 16.79 10.32 -12.15
C PRO C 15 16.37 9.61 -13.43
N GLN C 16 16.88 8.39 -13.64
CA GLN C 16 16.66 7.66 -14.89
C GLN C 16 15.25 7.11 -15.06
N ASN C 17 14.45 7.14 -14.00
CA ASN C 17 13.01 6.80 -14.15
C ASN C 17 12.11 8.03 -14.38
N LEU C 18 12.72 9.21 -14.60
CA LEU C 18 12.00 10.38 -15.09
C LEU C 18 12.53 10.76 -16.47
N LEU C 19 11.63 11.18 -17.34
CA LEU C 19 11.97 11.78 -18.62
C LEU C 19 12.00 13.29 -18.38
N LEU C 20 13.20 13.85 -18.35
CA LEU C 20 13.37 15.28 -18.20
C LEU C 20 13.39 15.89 -19.58
N GLN C 21 12.59 16.94 -19.79
CA GLN C 21 12.49 17.60 -21.08
C GLN C 21 12.74 19.09 -20.88
N GLY C 22 13.27 19.75 -21.92
CA GLY C 22 13.66 21.15 -21.85
C GLY C 22 14.69 21.39 -20.76
N ASP C 23 14.46 22.41 -19.93
CA ASP C 23 15.50 22.89 -19.01
C ASP C 23 15.59 22.19 -17.67
N THR C 24 14.78 21.15 -17.44
CA THR C 24 14.64 20.57 -16.10
C THR C 24 15.96 19.97 -15.61
N VAL C 25 16.33 20.27 -14.37
CA VAL C 25 17.43 19.60 -13.69
C VAL C 25 17.00 19.26 -12.26
N VAL C 26 17.77 18.37 -11.64
CA VAL C 26 17.63 18.10 -10.23
C VAL C 26 18.67 18.89 -9.43
N THR C 27 18.25 19.58 -8.39
CA THR C 27 19.19 20.35 -7.58
C THR C 27 19.89 19.43 -6.59
N SER C 28 21.01 19.89 -6.05
CA SER C 28 21.73 19.16 -5.01
C SER C 28 20.90 19.09 -3.71
N SER C 29 20.02 20.05 -3.49
CA SER C 29 19.04 19.96 -2.39
C SER C 29 17.89 18.95 -2.65
N GLY C 30 17.86 18.30 -3.83
CA GLY C 30 16.91 17.22 -4.12
C GLY C 30 15.57 17.68 -4.70
N HIS C 31 15.54 18.87 -5.31
CA HIS C 31 14.32 19.41 -5.90
C HIS C 31 14.34 19.22 -7.41
N LEU C 32 13.16 19.07 -7.98
CA LEU C 32 13.00 19.04 -9.43
C LEU C 32 12.83 20.49 -9.85
N GLN C 33 13.89 21.04 -10.46
CA GLN C 33 13.94 22.45 -10.81
C GLN C 33 13.52 22.55 -12.28
N LEU C 34 12.26 22.89 -12.51
CA LEU C 34 11.70 22.82 -13.84
C LEU C 34 12.21 23.94 -14.75
N THR C 35 12.36 25.15 -14.20
CA THR C 35 12.85 26.29 -14.96
C THR C 35 14.20 26.75 -14.42
N GLN C 36 15.01 27.31 -15.30
CA GLN C 36 16.41 27.63 -15.01
C GLN C 36 16.60 28.65 -13.93
N VAL C 37 17.63 28.45 -13.13
CA VAL C 37 18.10 29.40 -12.15
C VAL C 37 19.57 29.65 -12.44
N LYS C 38 19.98 30.91 -12.46
CA LYS C 38 21.36 31.32 -12.69
C LYS C 38 21.71 32.39 -11.67
N ASP C 39 22.77 32.13 -10.88
CA ASP C 39 23.19 33.01 -9.77
C ASP C 39 22.05 33.31 -8.79
N GLY C 40 21.32 32.25 -8.42
CA GLY C 40 20.19 32.37 -7.50
C GLY C 40 18.97 33.13 -8.02
N GLU C 41 18.93 33.45 -9.31
CA GLU C 41 17.83 34.20 -9.90
C GLU C 41 17.20 33.41 -11.04
N PRO C 42 15.86 33.44 -11.15
CA PRO C 42 15.20 32.72 -12.22
C PRO C 42 15.50 33.34 -13.57
N VAL C 43 15.67 32.50 -14.59
CA VAL C 43 15.97 32.93 -15.95
C VAL C 43 14.68 32.96 -16.74
N TYR C 44 14.52 34.00 -17.55
CA TYR C 44 13.35 34.17 -18.38
C TYR C 44 13.37 33.22 -19.55
N SER C 45 12.21 33.05 -20.15
CA SER C 45 12.05 32.24 -21.34
C SER C 45 12.52 30.78 -21.17
N SER C 46 12.34 30.24 -19.97
CA SER C 46 12.75 28.88 -19.66
C SER C 46 11.51 28.00 -19.57
N LEU C 47 11.67 26.75 -20.01
CA LEU C 47 10.58 25.79 -20.07
C LEU C 47 11.20 24.44 -19.72
N GLY C 48 10.61 23.74 -18.75
CA GLY C 48 11.03 22.37 -18.42
C GLY C 48 9.88 21.49 -18.03
N ARG C 49 9.99 20.21 -18.38
CA ARG C 49 9.00 19.20 -18.04
C ARG C 49 9.71 18.00 -17.43
N ALA C 50 8.93 17.19 -16.73
CA ALA C 50 9.40 15.95 -16.14
C ALA C 50 8.23 14.97 -16.11
N LEU C 51 8.42 13.82 -16.76
CA LEU C 51 7.42 12.78 -16.84
C LEU C 51 7.95 11.51 -16.19
N TYR C 52 7.06 10.73 -15.58
CA TYR C 52 7.43 9.40 -15.13
C TYR C 52 7.70 8.55 -16.38
N TYR C 53 8.77 7.75 -16.32
CA TYR C 53 9.23 7.02 -17.48
C TYR C 53 8.21 6.01 -18.02
N ALA C 54 7.56 5.28 -17.12
CA ALA C 54 6.59 4.26 -17.56
C ALA C 54 5.28 4.89 -17.99
N PRO C 55 4.75 4.49 -19.15
CA PRO C 55 3.36 4.73 -19.47
C PRO C 55 2.42 4.21 -18.41
N ILE C 56 1.35 4.96 -18.18
CA ILE C 56 0.31 4.61 -17.24
C ILE C 56 -0.89 4.11 -18.04
N HIS C 57 -1.44 2.98 -17.65
CA HIS C 57 -2.61 2.41 -18.32
C HIS C 57 -3.85 3.04 -17.69
N ILE C 58 -4.41 4.03 -18.40
CA ILE C 58 -5.45 4.89 -17.86
C ILE C 58 -6.88 4.40 -18.20
N TRP C 59 -7.04 3.75 -19.34
CA TRP C 59 -8.27 3.03 -19.64
C TRP C 59 -8.00 1.91 -20.65
N ASP C 60 -8.96 0.99 -20.78
CA ASP C 60 -8.80 -0.19 -21.62
C ASP C 60 -10.08 -0.39 -22.44
N SER C 61 -9.96 -0.25 -23.76
CA SER C 61 -11.11 -0.39 -24.66
C SER C 61 -11.69 -1.79 -24.69
N ASN C 62 -10.86 -2.81 -24.53
CA ASN C 62 -11.35 -4.20 -24.56
C ASN C 62 -12.32 -4.50 -23.43
N THR C 63 -11.91 -4.19 -22.21
CA THR C 63 -12.72 -4.43 -21.01
C THR C 63 -13.67 -3.26 -20.69
N ASP C 64 -13.56 -2.16 -21.44
CA ASP C 64 -14.31 -0.94 -21.19
C ASP C 64 -14.20 -0.46 -19.73
N THR C 65 -12.97 -0.42 -19.22
CA THR C 65 -12.71 0.02 -17.85
C THR C 65 -11.88 1.28 -17.89
N VAL C 66 -12.02 2.10 -16.87
CA VAL C 66 -11.27 3.35 -16.73
C VAL C 66 -10.65 3.37 -15.35
N ALA C 67 -9.40 3.85 -15.28
CA ALA C 67 -8.67 3.88 -14.03
C ALA C 67 -9.11 5.00 -13.11
N ASN C 68 -9.03 4.75 -11.81
CA ASN C 68 -8.95 5.82 -10.83
C ASN C 68 -7.48 6.19 -10.66
N PHE C 69 -7.22 7.43 -10.30
CA PHE C 69 -5.87 7.78 -9.88
C PHE C 69 -5.88 8.88 -8.85
N VAL C 70 -4.77 8.96 -8.13
CA VAL C 70 -4.53 10.04 -7.21
C VAL C 70 -3.03 10.36 -7.23
N THR C 71 -2.72 11.65 -7.30
CA THR C 71 -1.36 12.10 -7.22
C THR C 71 -1.29 13.22 -6.20
N SER C 72 -0.19 13.26 -5.46
CA SER C 72 0.09 14.37 -4.55
C SER C 72 1.49 14.87 -4.85
N PHE C 73 1.70 16.17 -4.67
CA PHE C 73 3.01 16.76 -4.80
C PHE C 73 3.09 18.07 -4.07
N SER C 74 4.31 18.47 -3.79
CA SER C 74 4.60 19.73 -3.14
C SER C 74 5.41 20.56 -4.12
N PHE C 75 5.09 21.84 -4.23
CA PHE C 75 5.86 22.73 -5.11
C PHE C 75 6.04 24.09 -4.49
N VAL C 76 7.02 24.81 -5.02
CA VAL C 76 7.32 26.20 -4.63
C VAL C 76 7.51 27.04 -5.88
N ILE C 77 6.83 28.19 -5.91
CA ILE C 77 7.06 29.24 -6.89
C ILE C 77 7.59 30.45 -6.14
N ASP C 78 8.76 30.95 -6.58
CA ASP C 78 9.42 32.12 -6.00
C ASP C 78 9.64 33.17 -7.09
N ALA C 79 8.83 34.24 -7.05
CA ALA C 79 8.89 35.34 -8.01
C ALA C 79 9.57 36.52 -7.31
N PRO C 80 10.66 37.06 -7.88
CA PRO C 80 11.27 38.29 -7.32
C PRO C 80 10.28 39.44 -7.16
N ASN C 81 9.35 39.59 -8.09
CA ASN C 81 8.26 40.57 -7.98
C ASN C 81 6.97 39.83 -8.26
N LYS C 82 6.13 39.70 -7.25
CA LYS C 82 4.90 38.89 -7.36
C LYS C 82 3.94 39.39 -8.44
N ALA C 83 3.80 40.72 -8.59
CA ALA C 83 2.94 41.28 -9.64
C ALA C 83 3.38 40.91 -11.05
N LYS C 84 4.68 40.70 -11.25
CA LYS C 84 5.23 40.31 -12.54
C LYS C 84 5.52 38.80 -12.63
N ALA C 85 4.90 37.99 -11.79
CA ALA C 85 5.05 36.53 -11.84
C ALA C 85 4.56 36.01 -13.18
N ALA C 86 5.34 35.10 -13.78
CA ALA C 86 4.94 34.38 -14.97
C ALA C 86 5.79 33.13 -15.16
N ASP C 87 5.30 32.07 -15.80
CA ASP C 87 3.93 31.87 -16.26
C ASP C 87 3.13 30.84 -15.47
N GLY C 88 3.81 29.85 -14.88
CA GLY C 88 3.17 28.91 -13.97
C GLY C 88 3.63 27.49 -14.17
N LEU C 89 2.89 26.58 -13.54
CA LEU C 89 3.25 25.19 -13.42
C LEU C 89 1.97 24.38 -13.65
N ALA C 90 2.10 23.21 -14.27
CA ALA C 90 0.95 22.33 -14.41
C ALA C 90 1.36 20.88 -14.20
N PHE C 91 0.41 20.12 -13.68
CA PHE C 91 0.46 18.67 -13.69
C PHE C 91 -0.37 18.23 -14.88
N PHE C 92 0.08 17.23 -15.61
CA PHE C 92 -0.64 16.83 -16.81
C PHE C 92 -0.52 15.36 -17.18
N LEU C 93 -1.48 14.93 -17.99
CA LEU C 93 -1.50 13.63 -18.64
C LEU C 93 -1.55 13.88 -20.16
N ALA C 94 -0.76 13.13 -20.91
CA ALA C 94 -0.60 13.35 -22.35
C ALA C 94 -0.22 12.02 -23.03
N PRO C 95 -0.26 11.97 -24.39
CA PRO C 95 0.20 10.77 -25.07
C PRO C 95 1.64 10.39 -24.68
N VAL C 96 1.95 9.10 -24.79
CA VAL C 96 3.24 8.57 -24.34
C VAL C 96 4.40 9.31 -25.02
N ASP C 97 4.25 9.65 -26.30
CA ASP C 97 5.30 10.35 -27.06
C ASP C 97 5.32 11.89 -26.92
N THR C 98 4.61 12.45 -25.92
CA THR C 98 4.50 13.90 -25.73
C THR C 98 5.87 14.58 -25.63
N GLU C 99 5.96 15.74 -26.29
CA GLU C 99 7.18 16.55 -26.31
C GLU C 99 6.78 17.98 -25.90
N PRO C 100 7.73 18.76 -25.36
CA PRO C 100 7.45 20.15 -25.01
C PRO C 100 6.95 20.96 -26.21
N GLN C 101 5.93 21.79 -26.00
CA GLN C 101 5.37 22.65 -27.03
C GLN C 101 5.81 24.09 -26.76
N LYS C 102 4.95 25.08 -26.99
CA LYS C 102 5.34 26.48 -26.86
C LYS C 102 5.58 26.91 -25.41
N PRO C 103 6.57 27.79 -25.20
CA PRO C 103 6.90 28.27 -23.87
C PRO C 103 5.93 29.36 -23.37
N GLY C 104 6.28 30.04 -22.30
CA GLY C 104 5.50 31.16 -21.80
C GLY C 104 4.10 30.75 -21.33
N GLY C 105 3.10 31.52 -21.75
CA GLY C 105 1.73 31.28 -21.28
C GLY C 105 1.07 29.99 -21.74
N LEU C 106 1.64 29.34 -22.76
CA LEU C 106 1.16 28.04 -23.18
C LEU C 106 1.77 26.87 -22.37
N LEU C 107 2.69 27.19 -21.46
CA LEU C 107 3.16 26.29 -20.37
C LEU C 107 3.89 25.04 -20.84
N GLY C 108 4.34 25.04 -22.08
CA GLY C 108 4.95 23.87 -22.69
C GLY C 108 3.96 22.80 -23.06
N LEU C 109 2.66 23.08 -22.97
CA LEU C 109 1.62 22.08 -23.17
C LEU C 109 1.03 22.09 -24.57
N PHE C 110 0.84 23.29 -25.13
CA PHE C 110 0.09 23.50 -26.35
C PHE C 110 0.91 24.28 -27.37
N HIS C 111 0.60 24.03 -28.64
CA HIS C 111 1.23 24.69 -29.78
C HIS C 111 0.61 26.07 -30.03
N ASP C 112 -0.65 26.24 -29.65
CA ASP C 112 -1.35 27.52 -29.79
C ASP C 112 -2.42 27.62 -28.71
N ASP C 113 -3.12 28.76 -28.69
CA ASP C 113 -4.15 29.00 -27.68
C ASP C 113 -5.57 28.53 -28.04
N ARG C 114 -5.69 27.65 -29.03
CA ARG C 114 -6.99 27.16 -29.47
C ARG C 114 -7.29 25.79 -28.88
N HIS C 115 -8.55 25.40 -28.99
CA HIS C 115 -9.01 24.10 -28.55
C HIS C 115 -8.83 23.11 -29.67
N ASN C 116 -8.27 21.94 -29.38
CA ASN C 116 -8.04 20.94 -30.42
C ASN C 116 -8.03 19.55 -29.80
N LYS C 117 -8.97 18.71 -30.23
CA LYS C 117 -9.14 17.38 -29.63
C LYS C 117 -7.98 16.44 -29.89
N SER C 118 -7.16 16.74 -30.91
CA SER C 118 -5.96 15.95 -31.16
C SER C 118 -4.81 16.23 -30.20
N ASN C 119 -4.92 17.25 -29.35
CA ASN C 119 -3.93 17.43 -28.28
C ASN C 119 -3.88 16.22 -27.33
N HIS C 120 -5.04 15.66 -27.02
CA HIS C 120 -5.17 14.61 -25.99
C HIS C 120 -4.45 14.99 -24.69
N ILE C 121 -4.77 16.16 -24.15
CA ILE C 121 -4.16 16.64 -22.90
C ILE C 121 -5.21 16.97 -21.86
N VAL C 122 -4.97 16.49 -20.64
CA VAL C 122 -5.69 16.91 -19.46
C VAL C 122 -4.64 17.46 -18.51
N ALA C 123 -4.88 18.66 -18.00
CA ALA C 123 -3.94 19.29 -17.10
C ALA C 123 -4.62 20.05 -15.99
N VAL C 124 -3.90 20.21 -14.89
CA VAL C 124 -4.27 21.13 -13.83
C VAL C 124 -3.16 22.17 -13.76
N GLU C 125 -3.53 23.43 -13.98
CA GLU C 125 -2.55 24.52 -14.05
C GLU C 125 -2.61 25.41 -12.82
N PHE C 126 -1.45 25.95 -12.49
CA PHE C 126 -1.26 26.92 -11.41
C PHE C 126 -0.69 28.12 -12.13
N ASP C 127 -1.60 29.03 -12.51
CA ASP C 127 -1.35 30.01 -13.54
C ASP C 127 -1.10 31.38 -12.91
N THR C 128 0.13 31.88 -13.09
CA THR C 128 0.57 33.09 -12.39
C THR C 128 0.53 34.36 -13.24
N PHE C 129 0.17 34.25 -14.53
CA PHE C 129 0.17 35.41 -15.43
C PHE C 129 -1.09 35.45 -16.26
N LYS C 130 -1.75 36.59 -16.27
CA LYS C 130 -2.97 36.78 -17.02
C LYS C 130 -2.68 36.99 -18.51
N ASN C 131 -2.87 35.93 -19.29
CA ASN C 131 -2.84 36.00 -20.74
C ASN C 131 -4.20 36.48 -21.24
N SER C 132 -4.30 36.74 -22.54
CA SER C 132 -5.54 37.27 -23.13
C SER C 132 -6.74 36.35 -22.95
N TRP C 133 -6.48 35.04 -22.90
CA TRP C 133 -7.52 34.03 -22.67
C TRP C 133 -7.85 33.74 -21.18
N ASP C 134 -7.12 34.35 -20.24
CA ASP C 134 -7.24 34.02 -18.80
C ASP C 134 -8.26 34.86 -18.05
N PRO C 135 -8.82 34.31 -16.97
CA PRO C 135 -9.58 35.17 -16.08
C PRO C 135 -8.68 36.18 -15.38
N GLU C 136 -9.29 37.17 -14.74
CA GLU C 136 -8.54 38.14 -13.93
C GLU C 136 -7.97 37.43 -12.71
N GLY C 137 -6.70 37.71 -12.42
CA GLY C 137 -6.06 37.19 -11.22
C GLY C 137 -5.45 35.81 -11.41
N THR C 138 -4.47 35.53 -10.58
CA THR C 138 -3.85 34.22 -10.54
C THR C 138 -4.90 33.16 -10.18
N HIS C 139 -4.77 31.99 -10.77
CA HIS C 139 -5.82 31.00 -10.68
C HIS C 139 -5.33 29.58 -10.89
N ILE C 140 -6.11 28.64 -10.40
CA ILE C 140 -5.96 27.22 -10.65
C ILE C 140 -7.01 26.86 -11.68
N GLY C 141 -6.62 26.04 -12.66
CA GLY C 141 -7.50 25.72 -13.77
C GLY C 141 -7.43 24.23 -14.09
N ILE C 142 -8.57 23.69 -14.51
CA ILE C 142 -8.65 22.36 -15.12
C ILE C 142 -8.73 22.58 -16.63
N ASN C 143 -7.79 21.98 -17.37
CA ASN C 143 -7.62 22.21 -18.80
C ASN C 143 -7.81 20.91 -19.56
N VAL C 144 -8.60 20.95 -20.61
CA VAL C 144 -8.86 19.77 -21.44
C VAL C 144 -8.65 20.20 -22.87
N ASN C 145 -7.53 19.78 -23.46
CA ASN C 145 -7.23 20.02 -24.89
C ASN C 145 -7.09 21.48 -25.28
N SER C 146 -6.81 22.34 -24.30
CA SER C 146 -6.72 23.77 -24.53
C SER C 146 -6.08 24.44 -23.33
N ILE C 147 -5.34 25.51 -23.60
CA ILE C 147 -4.87 26.41 -22.55
C ILE C 147 -6.01 27.22 -21.93
N VAL C 148 -7.16 27.28 -22.62
CA VAL C 148 -8.33 27.98 -22.12
C VAL C 148 -9.06 27.03 -21.19
N SER C 149 -8.89 27.23 -19.89
CA SER C 149 -9.42 26.30 -18.89
C SER C 149 -10.92 26.07 -18.98
N ARG C 150 -11.30 24.82 -18.79
CA ARG C 150 -12.70 24.45 -18.64
C ARG C 150 -13.32 25.04 -17.39
N LYS C 151 -12.54 25.13 -16.31
CA LYS C 151 -13.01 25.66 -15.04
C LYS C 151 -11.81 26.26 -14.30
N THR C 152 -11.99 27.41 -13.68
CA THR C 152 -10.94 28.03 -12.87
C THR C 152 -11.46 28.48 -11.51
N ILE C 153 -10.57 28.59 -10.54
CA ILE C 153 -10.81 29.32 -9.28
C ILE C 153 -9.65 30.26 -9.00
N SER C 154 -9.97 31.37 -8.36
CA SER C 154 -8.93 32.30 -7.92
C SER C 154 -8.06 31.61 -6.88
N TRP C 155 -6.77 31.92 -6.96
CA TRP C 155 -5.76 31.34 -6.09
C TRP C 155 -4.72 32.42 -5.91
N ASP C 156 -4.45 32.79 -4.65
CA ASP C 156 -3.42 33.77 -4.35
C ASP C 156 -2.10 33.05 -4.13
N LEU C 157 -1.15 33.31 -5.01
CA LEU C 157 0.20 32.79 -4.89
C LEU C 157 0.78 33.25 -3.56
N GLU C 158 1.24 32.32 -2.76
CA GLU C 158 1.98 32.65 -1.55
C GLU C 158 3.45 32.45 -1.89
N ASN C 159 4.08 33.57 -2.13
CA ASN C 159 5.35 33.63 -2.80
C ASN C 159 6.41 32.92 -1.97
N ASP C 160 7.08 31.96 -2.60
CA ASP C 160 8.13 31.18 -1.96
C ASP C 160 7.66 30.32 -0.77
N GLU C 161 6.37 29.95 -0.73
CA GLU C 161 5.86 29.05 0.30
C GLU C 161 5.52 27.70 -0.34
N VAL C 162 5.60 26.65 0.47
CA VAL C 162 5.36 25.29 -0.01
C VAL C 162 3.85 25.08 -0.18
N ALA C 163 3.44 24.69 -1.38
CA ALA C 163 2.06 24.32 -1.69
C ALA C 163 1.98 22.80 -1.75
N ASN C 164 1.00 22.23 -1.06
CA ASN C 164 0.71 20.78 -1.12
C ASN C 164 -0.54 20.56 -1.96
N VAL C 165 -0.39 19.82 -3.05
CA VAL C 165 -1.43 19.60 -4.03
C VAL C 165 -1.84 18.14 -4.00
N VAL C 166 -3.14 17.89 -4.12
CA VAL C 166 -3.66 16.56 -4.39
C VAL C 166 -4.59 16.67 -5.61
N ILE C 167 -4.41 15.79 -6.58
CA ILE C 167 -5.28 15.71 -7.75
C ILE C 167 -5.74 14.26 -7.82
N SER C 168 -7.05 14.07 -7.91
CA SER C 168 -7.60 12.73 -7.98
C SER C 168 -8.67 12.63 -9.07
N TYR C 169 -8.80 11.43 -9.60
CA TYR C 169 -9.81 11.13 -10.60
C TYR C 169 -10.65 9.94 -10.15
N GLN C 170 -11.96 10.15 -10.12
CA GLN C 170 -12.90 9.11 -9.75
C GLN C 170 -13.61 8.69 -11.04
N ALA C 171 -13.28 7.50 -11.54
CA ALA C 171 -13.80 7.04 -12.82
C ALA C 171 -15.33 6.91 -12.84
N SER C 172 -15.91 6.41 -11.76
CA SER C 172 -17.36 6.16 -11.70
C SER C 172 -18.23 7.41 -11.88
N THR C 173 -17.71 8.59 -11.50
CA THR C 173 -18.42 9.85 -11.65
C THR C 173 -17.73 10.78 -12.66
N LYS C 174 -16.69 10.29 -13.33
CA LYS C 174 -15.88 11.06 -14.28
C LYS C 174 -15.41 12.42 -13.72
N THR C 175 -15.08 12.42 -12.43
CA THR C 175 -14.78 13.66 -11.71
C THR C 175 -13.29 13.80 -11.43
N LEU C 176 -12.73 14.92 -11.85
CA LEU C 176 -11.36 15.30 -11.54
C LEU C 176 -11.38 16.37 -10.46
N THR C 177 -10.65 16.12 -9.38
CA THR C 177 -10.59 17.04 -8.25
C THR C 177 -9.14 17.49 -8.05
N ALA C 178 -8.94 18.77 -7.78
CA ALA C 178 -7.63 19.31 -7.46
C ALA C 178 -7.76 20.21 -6.24
N SER C 179 -6.86 20.02 -5.27
CA SER C 179 -6.80 20.85 -4.08
C SER C 179 -5.37 21.36 -3.88
N LEU C 180 -5.25 22.54 -3.29
CA LEU C 180 -3.97 23.10 -2.92
C LEU C 180 -4.09 23.65 -1.51
N VAL C 181 -3.14 23.31 -0.65
CA VAL C 181 -3.05 23.80 0.72
C VAL C 181 -1.67 24.47 0.93
N TYR C 182 -1.66 25.63 1.56
CA TYR C 182 -0.45 26.23 2.11
C TYR C 182 -0.50 26.03 3.63
N PRO C 183 0.23 25.03 4.15
CA PRO C 183 0.24 24.84 5.60
C PRO C 183 0.76 26.04 6.39
N SER C 184 1.69 26.79 5.82
CA SER C 184 2.29 27.96 6.46
C SER C 184 1.27 29.02 6.86
N SER C 185 0.26 29.24 6.02
CA SER C 185 -0.78 30.25 6.29
C SER C 185 -2.18 29.65 6.56
N SER C 186 -2.30 28.34 6.57
CA SER C 186 -3.60 27.66 6.69
C SER C 186 -4.64 28.14 5.67
N THR C 187 -4.20 28.26 4.42
CA THR C 187 -5.03 28.68 3.32
C THR C 187 -5.21 27.49 2.38
N SER C 188 -6.42 27.30 1.86
CA SER C 188 -6.70 26.15 1.00
C SER C 188 -7.69 26.46 -0.12
N TYR C 189 -7.59 25.67 -1.17
CA TYR C 189 -8.34 25.84 -2.40
C TYR C 189 -8.71 24.48 -2.96
N ILE C 190 -9.88 24.40 -3.60
CA ILE C 190 -10.30 23.16 -4.21
C ILE C 190 -11.22 23.46 -5.38
N LEU C 191 -11.13 22.64 -6.42
CA LEU C 191 -12.13 22.66 -7.48
C LEU C 191 -12.23 21.29 -8.10
N ASN C 192 -13.37 21.06 -8.73
CA ASN C 192 -13.56 19.82 -9.42
C ASN C 192 -14.46 19.99 -10.62
N ASP C 193 -14.35 19.08 -11.56
CA ASP C 193 -15.15 19.13 -12.77
C ASP C 193 -15.24 17.76 -13.42
N VAL C 194 -16.25 17.61 -14.28
CA VAL C 194 -16.44 16.41 -15.04
C VAL C 194 -15.44 16.40 -16.19
N VAL C 195 -14.63 15.36 -16.28
CA VAL C 195 -13.67 15.20 -17.34
C VAL C 195 -13.72 13.74 -17.72
N ASP C 196 -14.12 13.45 -18.95
CA ASP C 196 -14.28 12.06 -19.39
C ASP C 196 -12.98 11.54 -20.02
N LEU C 197 -12.13 10.92 -19.20
CA LEU C 197 -10.79 10.53 -19.66
C LEU C 197 -10.80 9.61 -20.86
N LYS C 198 -11.75 8.67 -20.87
CA LYS C 198 -11.91 7.72 -21.97
C LYS C 198 -12.12 8.42 -23.32
N GLN C 199 -12.84 9.54 -23.31
CA GLN C 199 -13.06 10.33 -24.52
C GLN C 199 -11.90 11.28 -24.89
N ILE C 200 -11.05 11.65 -23.94
CA ILE C 200 -10.01 12.66 -24.18
C ILE C 200 -8.61 12.09 -24.45
N LEU C 201 -8.25 11.06 -23.69
CA LEU C 201 -6.89 10.54 -23.66
C LEU C 201 -6.80 9.19 -24.34
N PRO C 202 -5.61 8.85 -24.87
CA PRO C 202 -5.39 7.48 -25.29
C PRO C 202 -5.32 6.53 -24.08
N GLU C 203 -5.34 5.24 -24.37
CA GLU C 203 -5.36 4.20 -23.37
C GLU C 203 -4.13 4.23 -22.46
N TYR C 204 -2.98 4.54 -23.01
CA TYR C 204 -1.76 4.74 -22.24
C TYR C 204 -1.33 6.20 -22.34
N VAL C 205 -0.90 6.76 -21.23
CA VAL C 205 -0.41 8.13 -21.16
C VAL C 205 0.89 8.20 -20.39
N ARG C 206 1.60 9.31 -20.52
CA ARG C 206 2.60 9.67 -19.54
C ARG C 206 2.08 10.83 -18.69
N VAL C 207 2.56 10.87 -17.45
CA VAL C 207 2.11 11.84 -16.47
C VAL C 207 3.31 12.58 -15.91
N GLY C 208 3.08 13.84 -15.55
CA GLY C 208 4.15 14.64 -14.99
C GLY C 208 3.87 16.11 -14.89
N PHE C 209 4.95 16.88 -14.89
CA PHE C 209 4.94 18.31 -14.64
C PHE C 209 5.50 19.08 -15.80
N THR C 210 5.02 20.31 -15.94
CA THR C 210 5.58 21.28 -16.85
C THR C 210 5.51 22.63 -16.17
N ALA C 211 6.46 23.48 -16.51
CA ALA C 211 6.48 24.84 -15.98
C ALA C 211 7.27 25.75 -16.90
N ALA C 212 6.90 27.02 -16.91
CA ALA C 212 7.51 28.00 -17.81
C ALA C 212 7.66 29.33 -17.10
N SER C 213 8.83 29.96 -17.25
CA SER C 213 9.03 31.35 -16.79
C SER C 213 8.57 32.30 -17.91
N GLY C 214 8.41 33.57 -17.58
CA GLY C 214 7.88 34.55 -18.52
C GLY C 214 8.78 34.83 -19.71
N LEU C 215 8.19 35.29 -20.81
CA LEU C 215 8.97 35.56 -22.03
C LEU C 215 9.58 36.96 -22.08
N SER C 216 9.57 37.69 -20.95
CA SER C 216 10.31 38.94 -20.83
C SER C 216 11.09 38.91 -19.53
N LYS C 217 12.17 39.67 -19.49
CA LYS C 217 13.19 39.54 -18.44
C LYS C 217 12.76 39.93 -17.05
N ASP C 218 11.78 40.82 -16.94
CA ASP C 218 11.24 41.21 -15.62
C ASP C 218 10.02 40.39 -15.19
N HIS C 219 9.60 39.39 -15.99
CA HIS C 219 8.47 38.55 -15.61
C HIS C 219 8.91 37.11 -15.37
N VAL C 220 9.56 36.88 -14.24
CA VAL C 220 10.22 35.61 -13.98
C VAL C 220 9.85 35.07 -12.59
N GLU C 221 9.98 33.76 -12.47
CA GLU C 221 9.81 33.05 -11.21
C GLU C 221 10.44 31.66 -11.34
N THR C 222 10.77 31.06 -10.21
CA THR C 222 11.20 29.67 -10.14
C THR C 222 9.99 28.74 -10.02
N HIS C 223 10.18 27.48 -10.40
CA HIS C 223 9.16 26.44 -10.30
C HIS C 223 9.81 25.14 -9.88
N ASP C 224 9.80 24.83 -8.57
CA ASP C 224 10.43 23.63 -8.05
C ASP C 224 9.38 22.65 -7.49
N VAL C 225 9.51 21.37 -7.83
CA VAL C 225 8.72 20.32 -7.23
C VAL C 225 9.60 19.60 -6.20
N LEU C 226 9.11 19.51 -4.97
CA LEU C 226 9.87 18.97 -3.83
C LEU C 226 9.63 17.48 -3.58
N ALA C 227 8.45 16.99 -3.95
CA ALA C 227 8.04 15.61 -3.66
C ALA C 227 6.87 15.27 -4.55
N TRP C 228 6.69 13.99 -4.84
CA TRP C 228 5.64 13.53 -5.73
C TRP C 228 5.27 12.09 -5.44
N THR C 229 3.98 11.82 -5.26
CA THR C 229 3.47 10.45 -5.28
C THR C 229 2.39 10.31 -6.36
N PHE C 230 2.25 9.09 -6.87
CA PHE C 230 1.25 8.77 -7.89
C PHE C 230 0.77 7.34 -7.68
N ASP C 231 -0.54 7.14 -7.78
CA ASP C 231 -1.17 5.82 -7.69
C ASP C 231 -2.31 5.75 -8.70
N SER C 232 -2.28 4.76 -9.60
CA SER C 232 -3.40 4.50 -10.50
C SER C 232 -3.84 3.05 -10.39
N ASP C 233 -5.15 2.84 -10.58
CA ASP C 233 -5.77 1.53 -10.42
C ASP C 233 -6.81 1.34 -11.52
N LEU C 234 -6.50 0.47 -12.48
CA LEU C 234 -7.40 0.10 -13.55
C LEU C 234 -8.08 -1.19 -13.12
N PRO C 235 -9.38 -1.13 -12.77
CA PRO C 235 -10.04 -2.30 -12.21
C PRO C 235 -10.38 -3.38 -13.23
N ASP C 236 -10.69 -4.57 -12.71
CA ASP C 236 -11.31 -5.62 -13.54
C ASP C 236 -12.69 -5.15 -13.99
N PRO C 237 -13.15 -5.64 -15.14
CA PRO C 237 -14.52 -5.30 -15.56
C PRO C 237 -15.58 -5.87 -14.61
N SER C 238 -16.72 -5.21 -14.54
CA SER C 238 -17.90 -5.64 -13.75
C SER C 238 -17.94 -7.09 -13.18
N LYS D 1 8.82 2.32 13.75
CA LYS D 1 7.73 2.78 12.85
C LYS D 1 6.50 1.91 13.04
N GLU D 2 5.33 2.54 13.11
CA GLU D 2 4.07 1.84 13.26
C GLU D 2 3.05 2.40 12.29
N THR D 3 2.36 1.52 11.57
CA THR D 3 1.26 1.94 10.70
C THR D 3 0.02 1.09 10.96
N THR D 4 -1.14 1.68 10.71
CA THR D 4 -2.43 1.03 10.79
C THR D 4 -3.26 1.46 9.57
N SER D 5 -3.92 0.50 8.92
CA SER D 5 -4.81 0.78 7.82
C SER D 5 -6.02 -0.11 7.83
N PHE D 6 -7.09 0.41 7.24
CA PHE D 6 -8.26 -0.39 6.95
C PHE D 6 -9.09 0.25 5.84
N VAL D 7 -9.87 -0.61 5.16
CA VAL D 7 -10.75 -0.19 4.09
C VAL D 7 -12.07 -0.93 4.28
N PHE D 8 -13.17 -0.19 4.16
CA PHE D 8 -14.51 -0.74 4.00
C PHE D 8 -15.09 -0.07 2.76
N THR D 9 -15.35 -0.81 1.69
CA THR D 9 -16.10 -0.26 0.56
C THR D 9 -17.60 -0.44 0.78
N ARG D 10 -17.96 -1.23 1.78
CA ARG D 10 -19.31 -1.35 2.29
C ARG D 10 -19.17 -2.05 3.64
N PHE D 11 -20.26 -2.10 4.39
CA PHE D 11 -20.24 -2.64 5.73
C PHE D 11 -21.07 -3.91 5.79
N SER D 12 -20.57 -4.88 6.56
CA SER D 12 -21.26 -6.15 6.79
C SER D 12 -22.14 -6.06 8.02
N PRO D 13 -23.24 -6.83 8.08
CA PRO D 13 -24.01 -6.85 9.33
C PRO D 13 -23.15 -7.45 10.45
N ASP D 14 -23.36 -6.99 11.66
CA ASP D 14 -22.53 -7.39 12.80
C ASP D 14 -20.99 -7.20 12.58
N PRO D 15 -20.57 -5.96 12.33
CA PRO D 15 -19.15 -5.71 12.08
C PRO D 15 -18.37 -5.69 13.39
N GLN D 16 -17.75 -6.81 13.74
CA GLN D 16 -17.09 -6.97 15.04
C GLN D 16 -15.77 -6.20 15.18
N ASN D 17 -15.25 -5.67 14.07
CA ASN D 17 -14.12 -4.74 14.16
C ASN D 17 -14.54 -3.25 14.22
N LEU D 18 -15.83 -2.98 14.39
CA LEU D 18 -16.32 -1.64 14.74
C LEU D 18 -17.02 -1.68 16.10
N LEU D 19 -16.87 -0.61 16.87
CA LEU D 19 -17.64 -0.38 18.08
C LEU D 19 -18.82 0.48 17.65
N LEU D 20 -20.02 -0.12 17.60
CA LEU D 20 -21.22 0.65 17.32
C LEU D 20 -21.80 1.13 18.64
N GLN D 21 -22.10 2.43 18.74
CA GLN D 21 -22.61 3.01 19.97
C GLN D 21 -23.92 3.74 19.66
N GLY D 22 -24.79 3.84 20.68
CA GLY D 22 -26.10 4.46 20.53
C GLY D 22 -26.92 3.73 19.49
N ASP D 23 -27.54 4.47 18.57
CA ASP D 23 -28.53 3.90 17.67
C ASP D 23 -28.00 3.25 16.39
N THR D 24 -26.67 3.21 16.21
CA THR D 24 -26.10 2.81 14.93
C THR D 24 -26.46 1.37 14.57
N VAL D 25 -26.88 1.16 13.33
CA VAL D 25 -27.03 -0.18 12.75
C VAL D 25 -26.43 -0.21 11.36
N VAL D 26 -26.19 -1.43 10.86
CA VAL D 26 -25.79 -1.65 9.49
C VAL D 26 -27.01 -2.02 8.66
N THR D 27 -27.22 -1.36 7.53
CA THR D 27 -28.37 -1.65 6.70
C THR D 27 -28.08 -2.85 5.83
N SER D 28 -29.14 -3.46 5.29
CA SER D 28 -28.98 -4.58 4.36
C SER D 28 -28.31 -4.14 3.06
N SER D 29 -28.43 -2.86 2.69
CA SER D 29 -27.67 -2.31 1.58
C SER D 29 -26.17 -2.06 1.90
N GLY D 30 -25.73 -2.33 3.13
CA GLY D 30 -24.33 -2.24 3.52
C GLY D 30 -23.84 -0.87 3.99
N HIS D 31 -24.76 -0.03 4.44
CA HIS D 31 -24.44 1.31 4.92
C HIS D 31 -24.41 1.33 6.44
N LEU D 32 -23.62 2.24 6.97
CA LEU D 32 -23.57 2.50 8.40
C LEU D 32 -24.61 3.55 8.67
N GLN D 33 -25.73 3.14 9.25
CA GLN D 33 -26.86 4.03 9.50
C GLN D 33 -26.75 4.57 10.92
N LEU D 34 -26.23 5.78 11.04
CA LEU D 34 -25.88 6.30 12.36
C LEU D 34 -27.10 6.69 13.19
N THR D 35 -28.10 7.28 12.56
CA THR D 35 -29.33 7.69 13.26
C THR D 35 -30.51 6.88 12.75
N GLN D 36 -31.46 6.68 13.64
CA GLN D 36 -32.59 5.75 13.42
C GLN D 36 -33.47 6.15 12.25
N VAL D 37 -33.91 5.13 11.52
CA VAL D 37 -34.92 5.27 10.50
C VAL D 37 -36.05 4.31 10.87
N LYS D 38 -37.28 4.80 10.80
CA LYS D 38 -38.47 3.99 11.05
C LYS D 38 -39.47 4.27 9.94
N ASP D 39 -39.87 3.21 9.24
CA ASP D 39 -40.79 3.29 8.09
C ASP D 39 -40.29 4.28 7.02
N GLY D 40 -39.01 4.17 6.69
CA GLY D 40 -38.37 5.04 5.71
C GLY D 40 -38.21 6.50 6.10
N GLU D 41 -38.47 6.85 7.35
CA GLU D 41 -38.39 8.23 7.83
C GLU D 41 -37.42 8.34 8.98
N PRO D 42 -36.61 9.43 9.02
CA PRO D 42 -35.68 9.60 10.13
C PRO D 42 -36.40 9.89 11.42
N VAL D 43 -35.90 9.34 12.51
CA VAL D 43 -36.46 9.52 13.85
C VAL D 43 -35.70 10.62 14.55
N TYR D 44 -36.45 11.47 15.26
CA TYR D 44 -35.86 12.58 15.99
C TYR D 44 -35.18 12.11 17.24
N SER D 45 -34.34 12.97 17.79
CA SER D 45 -33.64 12.72 19.04
C SER D 45 -32.81 11.41 19.02
N SER D 46 -32.24 11.08 17.87
CA SER D 46 -31.45 9.86 17.70
C SER D 46 -29.96 10.25 17.62
N LEU D 47 -29.13 9.38 18.18
CA LEU D 47 -27.70 9.59 18.24
C LEU D 47 -27.03 8.24 18.03
N GLY D 48 -26.07 8.17 17.11
CA GLY D 48 -25.28 6.95 16.91
C GLY D 48 -23.85 7.26 16.54
N ARG D 49 -22.96 6.39 16.99
CA ARG D 49 -21.53 6.50 16.69
C ARG D 49 -21.01 5.15 16.22
N ALA D 50 -19.86 5.18 15.55
CA ALA D 50 -19.17 3.98 15.09
C ALA D 50 -17.68 4.26 15.09
N LEU D 51 -16.92 3.46 15.83
CA LEU D 51 -15.49 3.59 15.97
C LEU D 51 -14.79 2.34 15.48
N TYR D 52 -13.59 2.48 14.91
CA TYR D 52 -12.77 1.32 14.61
C TYR D 52 -12.33 0.71 15.93
N TYR D 53 -12.36 -0.62 16.00
CA TYR D 53 -12.10 -1.34 17.25
C TYR D 53 -10.69 -1.11 17.78
N ALA D 54 -9.69 -1.14 16.93
CA ALA D 54 -8.30 -1.00 17.40
C ALA D 54 -7.96 0.44 17.71
N PRO D 55 -7.35 0.67 18.89
CA PRO D 55 -6.71 1.94 19.13
C PRO D 55 -5.67 2.26 18.06
N ILE D 56 -5.59 3.54 17.72
CA ILE D 56 -4.64 4.06 16.77
C ILE D 56 -3.54 4.77 17.56
N HIS D 57 -2.29 4.46 17.24
CA HIS D 57 -1.14 5.08 17.89
C HIS D 57 -0.85 6.38 17.17
N ILE D 58 -1.29 7.48 17.78
CA ILE D 58 -1.30 8.79 17.12
C ILE D 58 -0.05 9.63 17.44
N TRP D 59 0.52 9.44 18.64
CA TRP D 59 1.83 9.99 18.95
C TRP D 59 2.50 9.17 20.06
N ASP D 60 3.80 9.36 20.23
CA ASP D 60 4.59 8.59 21.18
C ASP D 60 5.49 9.55 21.97
N SER D 61 5.25 9.64 23.28
CA SER D 61 6.02 10.53 24.15
C SER D 61 7.47 10.16 24.28
N ASN D 62 7.78 8.85 24.24
CA ASN D 62 9.17 8.41 24.37
C ASN D 62 10.06 8.92 23.25
N THR D 63 9.62 8.68 22.02
CA THR D 63 10.37 9.08 20.82
C THR D 63 10.04 10.49 20.35
N ASP D 64 9.07 11.15 21.01
CA ASP D 64 8.58 12.46 20.63
C ASP D 64 8.20 12.53 19.12
N THR D 65 7.46 11.55 18.64
CA THR D 65 7.02 11.50 17.26
C THR D 65 5.50 11.61 17.23
N VAL D 66 5.00 12.14 16.13
CA VAL D 66 3.56 12.30 15.91
C VAL D 66 3.24 11.70 14.55
N ALA D 67 2.10 11.01 14.47
CA ALA D 67 1.69 10.33 13.26
C ALA D 67 1.11 11.28 12.23
N ASN D 68 1.31 10.93 10.97
CA ASN D 68 0.48 11.43 9.89
C ASN D 68 -0.72 10.50 9.77
N PHE D 69 -1.85 11.02 9.31
CA PHE D 69 -2.94 10.14 8.91
C PHE D 69 -3.75 10.74 7.79
N VAL D 70 -4.47 9.86 7.12
CA VAL D 70 -5.45 10.27 6.13
C VAL D 70 -6.64 9.30 6.19
N THR D 71 -7.83 9.87 6.14
CA THR D 71 -9.04 9.07 6.09
C THR D 71 -9.91 9.61 4.98
N SER D 72 -10.60 8.71 4.29
CA SER D 72 -11.59 9.10 3.30
C SER D 72 -12.87 8.34 3.61
N PHE D 73 -13.99 8.98 3.33
CA PHE D 73 -15.29 8.35 3.49
C PHE D 73 -16.33 9.04 2.64
N SER D 74 -17.40 8.29 2.39
CA SER D 74 -18.54 8.79 1.64
C SER D 74 -19.73 8.77 2.58
N PHE D 75 -20.51 9.84 2.58
CA PHE D 75 -21.71 9.90 3.42
C PHE D 75 -22.87 10.54 2.69
N VAL D 76 -24.07 10.29 3.20
CA VAL D 76 -25.31 10.89 2.70
C VAL D 76 -26.13 11.40 3.89
N ILE D 77 -26.60 12.64 3.77
CA ILE D 77 -27.59 13.20 4.66
C ILE D 77 -28.86 13.46 3.83
N ASP D 78 -29.98 12.90 4.29
CA ASP D 78 -31.29 13.06 3.65
C ASP D 78 -32.28 13.65 4.64
N ALA D 79 -32.61 14.93 4.46
CA ALA D 79 -33.56 15.65 5.29
C ALA D 79 -34.88 15.78 4.54
N PRO D 80 -36.00 15.30 5.13
CA PRO D 80 -37.31 15.51 4.48
C PRO D 80 -37.61 16.98 4.15
N ASN D 81 -37.18 17.90 5.01
CA ASN D 81 -37.26 19.32 4.75
C ASN D 81 -35.89 19.93 5.01
N LYS D 82 -35.24 20.40 3.95
CA LYS D 82 -33.87 20.90 4.05
C LYS D 82 -33.71 22.09 5.00
N ALA D 83 -34.67 23.00 5.00
CA ALA D 83 -34.65 24.15 5.92
C ALA D 83 -34.66 23.75 7.40
N LYS D 84 -35.29 22.62 7.71
CA LYS D 84 -35.35 22.10 9.07
C LYS D 84 -34.33 20.97 9.35
N ALA D 85 -33.27 20.90 8.55
CA ALA D 85 -32.22 19.87 8.77
C ALA D 85 -31.58 20.02 10.13
N ALA D 86 -31.39 18.91 10.84
CA ALA D 86 -30.62 18.89 12.09
C ALA D 86 -30.19 17.47 12.44
N ASP D 87 -29.09 17.25 13.16
CA ASP D 87 -28.09 18.24 13.57
C ASP D 87 -26.75 18.12 12.83
N GLY D 88 -26.40 16.92 12.37
CA GLY D 88 -25.22 16.73 11.54
C GLY D 88 -24.41 15.51 11.89
N LEU D 89 -23.22 15.43 11.30
CA LEU D 89 -22.35 14.28 11.34
C LEU D 89 -20.94 14.78 11.57
N ALA D 90 -20.12 14.01 12.29
CA ALA D 90 -18.72 14.34 12.44
C ALA D 90 -17.86 13.12 12.38
N PHE D 91 -16.64 13.32 11.87
CA PHE D 91 -15.55 12.37 12.02
C PHE D 91 -14.73 12.86 13.20
N PHE D 92 -14.27 11.95 14.05
CA PHE D 92 -13.56 12.36 15.25
C PHE D 92 -12.51 11.38 15.76
N LEU D 93 -11.60 11.93 16.54
CA LEU D 93 -10.61 11.19 17.32
C LEU D 93 -10.83 11.52 18.79
N ALA D 94 -10.76 10.50 19.64
CA ALA D 94 -11.11 10.63 21.05
C ALA D 94 -10.37 9.56 21.87
N PRO D 95 -10.36 9.68 23.21
CA PRO D 95 -9.75 8.62 24.02
C PRO D 95 -10.32 7.24 23.71
N VAL D 96 -9.52 6.22 23.96
CA VAL D 96 -9.90 4.85 23.63
C VAL D 96 -11.23 4.46 24.26
N ASP D 97 -11.47 4.90 25.50
CA ASP D 97 -12.71 4.57 26.22
C ASP D 97 -13.91 5.50 25.95
N THR D 98 -13.85 6.31 24.88
CA THR D 98 -14.90 7.29 24.57
C THR D 98 -16.29 6.66 24.47
N GLU D 99 -17.27 7.37 25.02
CA GLU D 99 -18.67 6.96 25.05
C GLU D 99 -19.51 8.12 24.52
N PRO D 100 -20.69 7.84 23.94
CA PRO D 100 -21.59 8.91 23.47
C PRO D 100 -21.93 9.91 24.56
N GLN D 101 -21.93 11.20 24.23
CA GLN D 101 -22.29 12.26 25.16
C GLN D 101 -23.68 12.80 24.77
N LYS D 102 -23.90 14.11 24.87
CA LYS D 102 -25.23 14.68 24.64
C LYS D 102 -25.66 14.63 23.18
N PRO D 103 -26.96 14.40 22.94
CA PRO D 103 -27.50 14.35 21.59
C PRO D 103 -27.71 15.76 20.97
N GLY D 104 -28.45 15.84 19.87
CA GLY D 104 -28.77 17.11 19.24
C GLY D 104 -27.55 17.86 18.73
N GLY D 105 -27.51 19.15 19.02
CA GLY D 105 -26.45 20.04 18.52
C GLY D 105 -25.05 19.76 19.05
N LEU D 106 -24.95 18.99 20.15
CA LEU D 106 -23.65 18.57 20.66
C LEU D 106 -23.10 17.29 19.99
N LEU D 107 -23.90 16.70 19.09
CA LEU D 107 -23.47 15.68 18.11
C LEU D 107 -22.96 14.36 18.71
N GLY D 108 -23.30 14.12 19.98
CA GLY D 108 -22.79 12.98 20.72
C GLY D 108 -21.35 13.10 21.12
N LEU D 109 -20.76 14.27 20.95
CA LEU D 109 -19.34 14.48 21.20
C LEU D 109 -19.04 15.05 22.57
N PHE D 110 -19.87 16.01 23.01
CA PHE D 110 -19.59 16.83 24.17
C PHE D 110 -20.77 16.77 25.16
N HIS D 111 -20.43 16.98 26.42
CA HIS D 111 -21.39 17.01 27.52
C HIS D 111 -22.10 18.37 27.61
N ASP D 112 -21.43 19.43 27.15
CA ASP D 112 -22.00 20.78 27.15
C ASP D 112 -21.36 21.58 26.02
N ASP D 113 -21.77 22.84 25.86
CA ASP D 113 -21.27 23.69 24.79
C ASP D 113 -20.02 24.52 25.14
N ARG D 114 -19.30 24.15 26.20
CA ARG D 114 -18.12 24.88 26.62
C ARG D 114 -16.85 24.19 26.17
N HIS D 115 -15.74 24.90 26.28
CA HIS D 115 -14.44 24.40 25.95
C HIS D 115 -13.86 23.71 27.18
N ASN D 116 -13.31 22.51 27.02
CA ASN D 116 -12.74 21.77 28.16
C ASN D 116 -11.63 20.85 27.65
N LYS D 117 -10.42 21.09 28.14
CA LYS D 117 -9.25 20.36 27.62
C LYS D 117 -9.25 18.88 27.99
N SER D 118 -10.02 18.50 28.99
CA SER D 118 -10.18 17.08 29.34
C SER D 118 -11.10 16.31 28.41
N ASN D 119 -11.79 16.97 27.50
CA ASN D 119 -12.51 16.25 26.43
C ASN D 119 -11.55 15.37 25.59
N HIS D 120 -10.36 15.90 25.30
CA HIS D 120 -9.42 15.26 24.37
C HIS D 120 -10.12 14.84 23.06
N ILE D 121 -10.79 15.78 22.42
CA ILE D 121 -11.48 15.50 21.16
C ILE D 121 -11.02 16.44 20.05
N VAL D 122 -10.73 15.84 18.89
CA VAL D 122 -10.54 16.56 17.65
C VAL D 122 -11.58 16.00 16.69
N ALA D 123 -12.34 16.89 16.06
CA ALA D 123 -13.39 16.48 15.16
C ALA D 123 -13.51 17.39 13.96
N VAL D 124 -14.03 16.82 12.88
CA VAL D 124 -14.47 17.60 11.74
C VAL D 124 -15.98 17.38 11.63
N GLU D 125 -16.74 18.47 11.71
CA GLU D 125 -18.20 18.41 11.73
C GLU D 125 -18.79 18.89 10.42
N PHE D 126 -19.93 18.29 10.09
CA PHE D 126 -20.75 18.65 8.96
C PHE D 126 -22.09 19.04 9.59
N ASP D 127 -22.23 20.34 9.83
CA ASP D 127 -23.20 20.86 10.77
C ASP D 127 -24.38 21.46 10.02
N THR D 128 -25.56 20.86 10.19
CA THR D 128 -26.75 21.22 9.42
C THR D 128 -27.73 22.14 10.14
N PHE D 129 -27.47 22.47 11.41
CA PHE D 129 -28.40 23.28 12.20
C PHE D 129 -27.66 24.35 12.98
N LYS D 130 -28.13 25.59 12.85
CA LYS D 130 -27.52 26.72 13.54
C LYS D 130 -27.92 26.77 15.01
N ASN D 131 -27.02 26.32 15.87
CA ASN D 131 -27.15 26.48 17.32
C ASN D 131 -26.68 27.87 17.71
N SER D 132 -26.85 28.22 18.98
CA SER D 132 -26.50 29.57 19.47
C SER D 132 -25.02 29.90 19.29
N TRP D 133 -24.17 28.87 19.37
CA TRP D 133 -22.71 29.01 19.19
C TRP D 133 -22.24 28.95 17.72
N ASP D 134 -23.13 28.69 16.76
CA ASP D 134 -22.74 28.43 15.38
C ASP D 134 -22.70 29.68 14.50
N PRO D 135 -21.86 29.66 13.46
CA PRO D 135 -21.96 30.74 12.47
C PRO D 135 -23.29 30.62 11.70
N GLU D 136 -23.62 31.65 10.94
CA GLU D 136 -24.77 31.63 10.06
C GLU D 136 -24.54 30.60 8.95
N GLY D 137 -25.57 29.82 8.68
CA GLY D 137 -25.57 28.86 7.58
C GLY D 137 -24.95 27.53 7.93
N THR D 138 -25.34 26.51 7.17
CA THR D 138 -24.74 25.19 7.29
C THR D 138 -23.24 25.29 6.98
N HIS D 139 -22.44 24.49 7.69
CA HIS D 139 -21.00 24.67 7.64
C HIS D 139 -20.24 23.42 8.01
N ILE D 140 -18.99 23.40 7.58
CA ILE D 140 -18.00 22.40 7.96
C ILE D 140 -17.10 23.09 8.97
N GLY D 141 -16.75 22.38 10.03
CA GLY D 141 -15.99 22.96 11.13
C GLY D 141 -14.91 22.02 11.60
N ILE D 142 -13.80 22.59 12.02
CA ILE D 142 -12.75 21.88 12.74
C ILE D 142 -12.92 22.22 14.23
N ASN D 143 -13.08 21.18 15.05
CA ASN D 143 -13.43 21.31 16.47
C ASN D 143 -12.33 20.71 17.31
N VAL D 144 -11.90 21.44 18.33
CA VAL D 144 -10.87 20.98 19.25
C VAL D 144 -11.41 21.20 20.65
N ASN D 145 -11.82 20.13 21.32
CA ASN D 145 -12.25 20.16 22.73
C ASN D 145 -13.48 21.01 22.99
N SER D 146 -14.28 21.26 21.95
CA SER D 146 -15.44 22.10 22.05
C SER D 146 -16.30 21.94 20.82
N ILE D 147 -17.61 22.05 21.01
CA ILE D 147 -18.56 22.16 19.91
C ILE D 147 -18.42 23.51 19.17
N VAL D 148 -17.78 24.49 19.80
CA VAL D 148 -17.60 25.79 19.20
C VAL D 148 -16.35 25.69 18.33
N SER D 149 -16.55 25.59 17.03
CA SER D 149 -15.46 25.26 16.13
C SER D 149 -14.33 26.31 16.15
N ARG D 150 -13.11 25.81 16.06
CA ARG D 150 -11.93 26.64 15.89
C ARG D 150 -11.94 27.38 14.54
N LYS D 151 -12.46 26.73 13.51
CA LYS D 151 -12.54 27.31 12.18
C LYS D 151 -13.70 26.67 11.44
N THR D 152 -14.45 27.47 10.68
CA THR D 152 -15.55 26.96 9.87
C THR D 152 -15.51 27.52 8.45
N ILE D 153 -16.13 26.81 7.51
CA ILE D 153 -16.49 27.35 6.19
C ILE D 153 -17.93 27.01 5.87
N SER D 154 -18.55 27.85 5.07
CA SER D 154 -19.89 27.59 4.56
C SER D 154 -19.87 26.35 3.70
N TRP D 155 -20.94 25.57 3.82
CA TRP D 155 -21.14 24.35 3.08
C TRP D 155 -22.63 24.21 2.83
N ASP D 156 -23.04 24.10 1.58
CA ASP D 156 -24.44 23.89 1.24
C ASP D 156 -24.70 22.39 1.17
N LEU D 157 -25.54 21.91 2.06
CA LEU D 157 -25.98 20.53 2.05
C LEU D 157 -26.66 20.25 0.71
N GLU D 158 -26.19 19.22 0.02
CA GLU D 158 -26.88 18.73 -1.17
C GLU D 158 -27.63 17.51 -0.75
N ASN D 159 -28.93 17.74 -0.58
CA ASN D 159 -29.81 16.84 0.11
C ASN D 159 -29.87 15.50 -0.60
N ASP D 160 -29.58 14.44 0.15
CA ASP D 160 -29.59 13.08 -0.36
C ASP D 160 -28.58 12.80 -1.47
N GLU D 161 -27.49 13.56 -1.55
CA GLU D 161 -26.43 13.31 -2.51
C GLU D 161 -25.20 12.77 -1.78
N VAL D 162 -24.40 11.97 -2.48
CA VAL D 162 -23.21 11.39 -1.91
C VAL D 162 -22.10 12.46 -1.80
N ALA D 163 -21.58 12.64 -0.58
CA ALA D 163 -20.44 13.51 -0.31
C ALA D 163 -19.21 12.63 -0.14
N ASN D 164 -18.12 12.96 -0.83
CA ASN D 164 -16.83 12.31 -0.65
C ASN D 164 -15.90 13.22 0.15
N VAL D 165 -15.47 12.74 1.31
CA VAL D 165 -14.68 13.50 2.26
C VAL D 165 -13.29 12.90 2.34
N VAL D 166 -12.28 13.77 2.40
CA VAL D 166 -10.92 13.38 2.77
C VAL D 166 -10.49 14.28 3.93
N ILE D 167 -9.95 13.66 4.99
CA ILE D 167 -9.40 14.39 6.12
C ILE D 167 -7.99 13.88 6.31
N SER D 168 -7.03 14.78 6.34
CA SER D 168 -5.63 14.39 6.52
C SER D 168 -4.93 15.26 7.55
N TYR D 169 -3.93 14.67 8.19
CA TYR D 169 -3.10 15.36 9.16
C TYR D 169 -1.64 15.24 8.80
N GLN D 170 -0.99 16.38 8.68
CA GLN D 170 0.44 16.45 8.36
C GLN D 170 1.15 16.86 9.64
N ALA D 171 1.84 15.91 10.25
CA ALA D 171 2.48 16.16 11.57
C ALA D 171 3.55 17.24 11.50
N SER D 172 4.35 17.29 10.43
CA SER D 172 5.44 18.26 10.32
C SER D 172 4.99 19.73 10.35
N THR D 173 3.77 20.02 9.90
CA THR D 173 3.22 21.37 9.91
C THR D 173 2.04 21.50 10.89
N LYS D 174 1.74 20.45 11.64
CA LYS D 174 0.59 20.38 12.56
C LYS D 174 -0.75 20.80 11.91
N THR D 175 -0.91 20.43 10.66
CA THR D 175 -2.02 20.91 9.83
C THR D 175 -3.05 19.80 9.60
N LEU D 176 -4.29 20.10 9.95
CA LEU D 176 -5.43 19.24 9.67
C LEU D 176 -6.19 19.82 8.49
N THR D 177 -6.41 19.00 7.46
CA THR D 177 -7.12 19.42 6.26
C THR D 177 -8.36 18.55 6.09
N ALA D 178 -9.47 19.17 5.72
CA ALA D 178 -10.71 18.47 5.41
C ALA D 178 -11.28 19.01 4.11
N SER D 179 -11.64 18.10 3.21
CA SER D 179 -12.28 18.46 1.96
C SER D 179 -13.54 17.64 1.76
N LEU D 180 -14.51 18.23 1.07
CA LEU D 180 -15.74 17.54 0.71
C LEU D 180 -16.04 17.86 -0.73
N VAL D 181 -16.35 16.82 -1.51
CA VAL D 181 -16.74 16.95 -2.91
C VAL D 181 -18.12 16.28 -3.13
N TYR D 182 -19.01 16.97 -3.84
CA TYR D 182 -20.21 16.34 -4.38
C TYR D 182 -19.99 16.14 -5.87
N PRO D 183 -19.65 14.91 -6.29
CA PRO D 183 -19.45 14.66 -7.72
C PRO D 183 -20.69 14.97 -8.57
N SER D 184 -21.87 14.75 -8.02
CA SER D 184 -23.14 14.96 -8.72
C SER D 184 -23.32 16.38 -9.23
N SER D 185 -22.89 17.37 -8.46
CA SER D 185 -23.00 18.77 -8.86
C SER D 185 -21.67 19.47 -9.15
N SER D 186 -20.56 18.75 -9.08
CA SER D 186 -19.21 19.35 -9.23
C SER D 186 -18.97 20.53 -8.28
N THR D 187 -19.35 20.34 -7.03
CA THR D 187 -19.19 21.34 -5.98
C THR D 187 -18.19 20.80 -4.98
N SER D 188 -17.30 21.66 -4.48
CA SER D 188 -16.24 21.22 -3.57
C SER D 188 -15.92 22.28 -2.53
N TYR D 189 -15.41 21.79 -1.40
CA TYR D 189 -15.13 22.59 -0.21
C TYR D 189 -13.85 22.11 0.44
N ILE D 190 -13.11 23.03 1.03
CA ILE D 190 -11.90 22.66 1.74
C ILE D 190 -11.62 23.65 2.86
N LEU D 191 -11.09 23.15 3.96
CA LEU D 191 -10.49 24.03 4.96
C LEU D 191 -9.37 23.33 5.66
N ASN D 192 -8.51 24.13 6.28
CA ASN D 192 -7.45 23.57 7.07
C ASN D 192 -7.08 24.48 8.21
N ASP D 193 -6.48 23.90 9.24
CA ASP D 193 -6.07 24.66 10.40
C ASP D 193 -4.96 23.96 11.15
N VAL D 194 -4.26 24.73 11.98
CA VAL D 194 -3.22 24.21 12.84
C VAL D 194 -3.91 23.53 14.03
N VAL D 195 -3.60 22.26 14.23
CA VAL D 195 -4.13 21.49 15.34
C VAL D 195 -2.97 20.66 15.85
N ASP D 196 -2.57 20.88 17.09
CA ASP D 196 -1.40 20.19 17.65
C ASP D 196 -1.85 18.92 18.37
N LEU D 197 -1.85 17.79 17.66
CA LEU D 197 -2.41 16.56 18.20
C LEU D 197 -1.75 16.10 19.50
N LYS D 198 -0.44 16.26 19.57
CA LYS D 198 0.34 15.91 20.75
C LYS D 198 -0.14 16.63 22.01
N GLN D 199 -0.56 17.88 21.86
CA GLN D 199 -1.11 18.66 22.98
C GLN D 199 -2.58 18.37 23.30
N ILE D 200 -3.35 17.86 22.36
CA ILE D 200 -4.80 17.68 22.54
C ILE D 200 -5.22 16.26 22.94
N LEU D 201 -4.61 15.27 22.29
CA LEU D 201 -5.06 13.88 22.37
C LEU D 201 -4.11 13.02 23.18
N PRO D 202 -4.61 11.93 23.76
CA PRO D 202 -3.69 10.94 24.31
C PRO D 202 -2.94 10.20 23.19
N GLU D 203 -1.94 9.44 23.59
CA GLU D 203 -1.06 8.73 22.67
C GLU D 203 -1.80 7.72 21.80
N TYR D 204 -2.79 7.04 22.38
CA TYR D 204 -3.66 6.17 21.64
C TYR D 204 -5.07 6.73 21.65
N VAL D 205 -5.74 6.65 20.51
CA VAL D 205 -7.10 7.13 20.34
C VAL D 205 -7.94 6.10 19.62
N ARG D 206 -9.26 6.24 19.69
CA ARG D 206 -10.13 5.61 18.72
C ARG D 206 -10.67 6.66 17.77
N VAL D 207 -10.96 6.22 16.56
CA VAL D 207 -11.40 7.09 15.48
C VAL D 207 -12.70 6.58 14.92
N GLY D 208 -13.52 7.50 14.43
CA GLY D 208 -14.79 7.11 13.84
C GLY D 208 -15.76 8.25 13.63
N PHE D 209 -17.04 7.90 13.61
CA PHE D 209 -18.13 8.79 13.22
C PHE D 209 -19.13 8.94 14.34
N THR D 210 -19.78 10.10 14.35
CA THR D 210 -20.92 10.35 15.20
C THR D 210 -21.90 11.20 14.41
N ALA D 211 -23.18 11.04 14.72
CA ALA D 211 -24.21 11.84 14.09
C ALA D 211 -25.44 11.88 14.97
N ALA D 212 -26.21 12.97 14.85
CA ALA D 212 -27.40 13.18 15.67
C ALA D 212 -28.49 13.84 14.85
N SER D 213 -29.72 13.34 14.99
CA SER D 213 -30.90 14.01 14.43
C SER D 213 -31.42 15.07 15.41
N GLY D 214 -32.29 15.96 14.94
CA GLY D 214 -32.75 17.09 15.75
C GLY D 214 -33.59 16.69 16.96
N LEU D 215 -33.62 17.57 17.95
CA LEU D 215 -34.37 17.31 19.19
C LEU D 215 -35.84 17.72 19.12
N SER D 216 -36.36 18.03 17.93
CA SER D 216 -37.80 18.19 17.74
C SER D 216 -38.20 17.39 16.50
N LYS D 217 -39.47 17.00 16.46
CA LYS D 217 -39.93 16.01 15.50
C LYS D 217 -39.93 16.45 14.04
N ASP D 218 -40.00 17.75 13.81
CA ASP D 218 -39.92 18.32 12.46
C ASP D 218 -38.51 18.70 12.02
N HIS D 219 -37.50 18.49 12.86
CA HIS D 219 -36.11 18.81 12.50
C HIS D 219 -35.26 17.55 12.43
N VAL D 220 -35.44 16.78 11.37
CA VAL D 220 -34.85 15.45 11.28
C VAL D 220 -34.14 15.25 9.94
N GLU D 221 -33.19 14.32 9.96
CA GLU D 221 -32.48 13.87 8.76
C GLU D 221 -31.81 12.54 9.05
N THR D 222 -31.50 11.79 8.00
CA THR D 222 -30.69 10.57 8.09
C THR D 222 -29.21 10.93 7.98
N HIS D 223 -28.36 10.04 8.49
CA HIS D 223 -26.90 10.18 8.43
C HIS D 223 -26.28 8.81 8.15
N ASP D 224 -25.99 8.51 6.89
CA ASP D 224 -25.41 7.22 6.48
C ASP D 224 -23.98 7.36 5.98
N VAL D 225 -23.09 6.47 6.45
CA VAL D 225 -21.73 6.37 5.90
C VAL D 225 -21.70 5.15 4.99
N LEU D 226 -21.26 5.34 3.75
CA LEU D 226 -21.27 4.31 2.71
C LEU D 226 -19.98 3.51 2.60
N ALA D 227 -18.86 4.16 2.95
CA ALA D 227 -17.53 3.57 2.74
C ALA D 227 -16.55 4.39 3.55
N TRP D 228 -15.45 3.76 3.93
CA TRP D 228 -14.48 4.39 4.82
C TRP D 228 -13.11 3.73 4.65
N THR D 229 -12.09 4.56 4.42
CA THR D 229 -10.70 4.10 4.53
C THR D 229 -9.95 4.96 5.55
N PHE D 230 -8.93 4.35 6.15
CA PHE D 230 -8.09 5.04 7.13
C PHE D 230 -6.66 4.50 7.00
N ASP D 231 -5.68 5.41 7.07
CA ASP D 231 -4.24 5.06 7.06
C ASP D 231 -3.54 6.00 8.03
N SER D 232 -2.82 5.45 9.01
CA SER D 232 -1.94 6.25 9.88
C SER D 232 -0.53 5.70 9.88
N ASP D 233 0.43 6.61 10.03
CA ASP D 233 1.86 6.29 9.96
C ASP D 233 2.59 7.08 11.05
N LEU D 234 3.05 6.37 12.08
CA LEU D 234 3.85 6.95 13.15
C LEU D 234 5.31 6.66 12.80
N PRO D 235 6.08 7.69 12.39
CA PRO D 235 7.44 7.44 11.91
C PRO D 235 8.44 7.15 13.03
N ASP D 236 9.58 6.62 12.62
CA ASP D 236 10.75 6.53 13.50
C ASP D 236 11.21 7.93 13.87
N PRO D 237 11.83 8.08 15.05
CA PRO D 237 12.37 9.40 15.41
C PRO D 237 13.50 9.85 14.46
N SER D 238 13.65 11.16 14.32
CA SER D 238 14.81 11.78 13.68
C SER D 238 15.86 12.11 14.74
C1 NAG E . -13.55 -30.08 23.16
C2 NAG E . -13.61 -31.19 24.21
C3 NAG E . -14.66 -30.92 25.30
C4 NAG E . -14.42 -29.56 25.93
C5 NAG E . -14.45 -28.52 24.80
C6 NAG E . -14.34 -27.07 25.30
C7 NAG E . -13.10 -33.55 23.79
C8 NAG E . -13.48 -34.80 23.06
N2 NAG E . -13.85 -32.48 23.56
O3 NAG E . -14.52 -31.95 26.29
O4 NAG E . -15.49 -29.27 26.85
O5 NAG E . -13.40 -28.84 23.87
O6 NAG E . -13.24 -26.91 26.20
O7 NAG E . -12.13 -33.55 24.53
C1 NAG E . -15.10 -28.98 28.21
C2 NAG E . -16.38 -28.66 28.99
C3 NAG E . -16.02 -28.27 30.42
C4 NAG E . -15.12 -29.32 31.10
C5 NAG E . -13.97 -29.76 30.17
C6 NAG E . -13.18 -30.99 30.65
C7 NAG E . -18.13 -27.88 27.45
C8 NAG E . -18.73 -26.68 26.76
N2 NAG E . -17.09 -27.62 28.26
O3 NAG E . -17.23 -28.11 31.16
O4 NAG E . -14.58 -28.74 32.31
O5 NAG E . -14.45 -30.06 28.86
O6 NAG E . -11.79 -30.69 30.75
O7 NAG E . -18.57 -29.01 27.26
C1 BMA E . -14.75 -29.52 33.51
C2 BMA E . -13.72 -29.03 34.55
C3 BMA E . -14.00 -29.64 35.92
C4 BMA E . -15.46 -29.35 36.31
C5 BMA E . -16.42 -30.00 35.26
C6 BMA E . -17.93 -29.79 35.51
O2 BMA E . -13.70 -27.59 34.68
O3 BMA E . -13.02 -29.11 36.84
O4 BMA E . -15.74 -29.80 37.65
O5 BMA E . -16.12 -29.46 33.96
O6 BMA E . -18.21 -28.43 35.90
C1 MAN E . -19.59 -28.07 36.15
C2 MAN E . -19.55 -26.63 36.69
C3 MAN E . -18.96 -26.60 38.12
C4 MAN E . -19.59 -27.65 39.04
C5 MAN E . -19.67 -29.03 38.36
C6 MAN E . -20.43 -30.06 39.20
O2 MAN E . -20.85 -26.04 36.65
O3 MAN E . -19.12 -25.31 38.72
O4 MAN E . -18.86 -27.71 40.28
O5 MAN E . -20.29 -28.93 37.05
O6 MAN E . -21.11 -30.97 38.34
C1 FUC E . -15.67 -31.92 27.15
C2 FUC E . -16.78 -32.77 26.52
C3 FUC E . -16.41 -34.25 26.52
C4 FUC E . -15.91 -34.69 27.89
C5 FUC E . -14.85 -33.73 28.43
C6 FUC E . -14.41 -34.13 29.83
O2 FUC E . -17.02 -32.34 25.18
O3 FUC E . -17.55 -35.03 26.15
O4 FUC E . -17.01 -34.75 28.81
O5 FUC E . -15.38 -32.41 28.46
C1 NAG F . 33.69 -9.19 -19.88
C2 NAG F . 35.14 -9.24 -20.36
C3 NAG F . 35.74 -7.83 -20.59
C4 NAG F . 34.78 -6.86 -21.28
C5 NAG F . 33.40 -6.94 -20.63
C6 NAG F . 32.36 -6.03 -21.26
C7 NAG F . 36.71 -11.00 -19.63
C8 NAG F . 37.58 -11.48 -18.49
N2 NAG F . 36.03 -9.88 -19.39
O3 NAG F . 36.92 -8.03 -21.38
O4 NAG F . 35.31 -5.52 -21.20
O5 NAG F . 32.93 -8.31 -20.71
O6 NAG F . 32.13 -6.54 -22.56
O7 NAG F . 36.63 -11.61 -20.69
C1 NAG F . 35.30 -4.82 -22.48
C2 NAG F . 35.45 -3.30 -22.26
C3 NAG F . 35.45 -2.56 -23.60
C4 NAG F . 36.48 -3.14 -24.57
C5 NAG F . 36.29 -4.66 -24.68
C6 NAG F . 37.32 -5.35 -25.58
C7 NAG F . 34.66 -2.55 -20.06
C8 NAG F . 33.48 -2.08 -19.27
N2 NAG F . 34.41 -2.82 -21.34
O3 NAG F . 35.79 -1.18 -23.40
O4 NAG F . 36.32 -2.55 -25.87
O5 NAG F . 36.34 -5.25 -23.36
O6 NAG F . 36.79 -6.64 -25.89
O7 NAG F . 35.76 -2.68 -19.53
C1 BMA F . 37.49 -1.85 -26.36
C2 BMA F . 37.34 -1.68 -27.86
C3 BMA F . 38.37 -0.73 -28.48
C4 BMA F . 38.61 0.53 -27.66
C5 BMA F . 38.77 0.20 -26.17
C6 BMA F . 38.89 1.46 -25.29
O2 BMA F . 36.02 -1.20 -28.15
O3 BMA F . 37.93 -0.36 -29.81
O4 BMA F . 39.80 1.16 -28.17
O5 BMA F . 37.65 -0.58 -25.72
O6 BMA F . 37.60 2.10 -25.33
C1 XYP F . 34.99 -1.83 -28.74
C2 XYP F . 33.61 -1.20 -28.51
C3 XYP F . 32.55 -2.22 -28.93
C4 XYP F . 32.77 -2.59 -30.42
C5 XYP F . 34.18 -3.15 -30.60
O2 XYP F . 33.46 -0.78 -27.14
O3 XYP F . 31.25 -1.69 -28.71
O4 XYP F . 31.79 -3.53 -30.86
O5 XYP F . 35.15 -2.21 -30.12
C1 MAN F . 38.93 -0.61 -30.83
C2 MAN F . 38.35 -0.25 -32.20
C3 MAN F . 37.28 -1.28 -32.60
C4 MAN F . 37.95 -2.66 -32.68
C5 MAN F . 38.55 -3.02 -31.31
C6 MAN F . 39.32 -4.34 -31.34
O2 MAN F . 39.39 -0.20 -33.19
O3 MAN F . 36.63 -0.96 -33.82
O4 MAN F . 37.01 -3.65 -33.09
O5 MAN F . 39.43 -1.98 -30.83
O6 MAN F . 40.39 -4.21 -32.30
C1 MAN F . 37.44 3.38 -24.69
C2 MAN F . 36.31 4.04 -25.50
C3 MAN F . 36.87 4.52 -26.85
C4 MAN F . 37.99 5.52 -26.63
C5 MAN F . 39.10 4.95 -25.72
C6 MAN F . 39.99 6.10 -25.25
O2 MAN F . 35.72 5.12 -24.76
O3 MAN F . 35.82 5.07 -27.65
O4 MAN F . 38.58 5.90 -27.88
O5 MAN F . 38.62 4.22 -24.57
O6 MAN F . 41.12 5.55 -24.59
C1 FUC F . 38.07 -7.97 -20.52
C2 FUC F . 39.34 -8.04 -21.36
C3 FUC F . 39.50 -6.78 -22.20
C4 FUC F . 39.32 -5.53 -21.34
C5 FUC F . 38.06 -5.62 -20.51
C6 FUC F . 37.92 -4.40 -19.60
O2 FUC F . 39.29 -9.19 -22.21
O3 FUC F . 40.80 -6.77 -22.80
O4 FUC F . 40.45 -5.37 -20.49
O5 FUC F . 38.09 -6.79 -19.72
C1 NAG G . -4.90 19.77 -34.04
C2 NAG G . -4.36 20.53 -35.25
C3 NAG G . -3.39 19.67 -36.03
C4 NAG G . -2.33 19.06 -35.09
C5 NAG G . -3.06 18.23 -34.03
C6 NAG G . -2.19 17.46 -33.03
C7 NAG G . -6.00 22.15 -36.19
C8 NAG G . -5.25 23.34 -35.65
N2 NAG G . -5.55 20.91 -36.00
O3 NAG G . -2.84 20.59 -36.97
O4 NAG G . -1.36 18.23 -35.72
O5 NAG G . -3.87 19.13 -33.30
O6 NAG G . -1.21 18.32 -32.42
O7 NAG G . -7.02 22.32 -36.81
C1 FUC G . -3.21 20.18 -38.30
C2 FUC G . -2.59 21.14 -39.32
C3 FUC G . -1.08 21.00 -39.34
C4 FUC G . -0.66 19.53 -39.46
C5 FUC G . -1.39 18.68 -38.42
C6 FUC G . -1.04 17.20 -38.59
O2 FUC G . -2.94 22.48 -38.99
O3 FUC G . -0.54 21.73 -40.45
O4 FUC G . -0.96 19.06 -40.77
O5 FUC G . -2.80 18.85 -38.59
C1 NAG H . -14.09 18.22 31.48
C2 NAG H . -14.94 18.30 32.75
C3 NAG H . -14.76 17.03 33.59
C4 NAG H . -15.18 15.80 32.77
C5 NAG H . -14.32 15.73 31.50
C6 NAG H . -14.77 14.54 30.64
C7 NAG H . -15.45 20.51 33.75
C8 NAG H . -14.99 21.58 34.68
N2 NAG H . -14.64 19.46 33.59
O3 NAG H . -15.61 17.29 34.70
O4 NAG H . -15.04 14.50 33.39
O5 NAG H . -14.38 16.99 30.78
O6 NAG H . -14.67 14.84 29.25
O7 NAG H . -16.50 20.65 33.16
C1 FUC H . -14.78 17.50 35.86
C2 FUC H . -15.67 17.88 37.05
C3 FUC H . -16.55 16.70 37.47
C4 FUC H . -15.72 15.43 37.62
C5 FUC H . -14.83 15.20 36.40
C6 FUC H . -13.95 13.98 36.60
O2 FUC H . -16.50 18.99 36.70
O3 FUC H . -17.20 17.01 38.70
O4 FUC H . -14.91 15.54 38.79
O5 FUC H . -14.01 16.35 36.19
CAB 6Y2 I . 7.41 -34.14 36.94
CAC 6Y2 I . 6.42 -33.16 37.23
CAD 6Y2 I . 5.48 -33.38 38.22
CAE 6Y2 I . 5.50 -34.57 38.97
CAF 6Y2 I . 6.47 -35.55 38.69
CAG 6Y2 I . 7.42 -35.33 37.69
CAL 6Y2 I . 8.07 -33.02 34.90
CAO 6Y2 I . 9.24 -33.02 34.00
CAW 6Y2 I . 7.76 -32.32 32.12
CBA 6Y2 I . 6.57 -32.42 33.10
CBK 6Y2 I . 3.59 -31.89 28.23
CBG 6Y2 I . 4.68 -30.87 28.52
OBH 6Y2 I . 4.43 -29.68 28.59
N2 6Y2 I . 5.90 -31.39 28.73
C2 6Y2 I . 7.11 -30.60 28.96
C3 6Y2 I . 7.85 -30.45 27.63
O3 6Y2 I . 7.00 -29.76 26.67
C4 6Y2 I . 9.17 -29.72 27.87
O4 6Y2 I . 8.85 -28.40 28.36
C5 6Y2 I . 9.99 -30.50 28.91
C6 6Y2 I . 11.33 -29.84 29.17
O6 6Y2 I . 11.89 -30.54 30.29
O5 6Y2 I . 9.24 -30.53 30.10
C1 6Y2 I . 8.06 -31.32 29.93
O1 6Y2 I . 7.44 -31.31 31.15
OBB 6Y2 I . 6.90 -33.41 34.13
CBE 6Y2 I . 5.25 -32.77 32.41
OBF 6Y2 I . 5.37 -34.05 31.81
CAS 6Y2 I . 9.00 -31.96 32.93
OAT 6Y2 I . 10.14 -31.93 32.12
NAP 6Y2 I . 10.50 -32.73 34.75
CBI 6Y2 I . 11.48 -33.66 34.96
OBJ 6Y2 I . 11.42 -34.84 34.64
CBL 6Y2 I . 12.75 -33.13 35.67
OAA 6Y2 I . 8.36 -33.98 35.96
NAH 6Y2 I . 4.58 -34.74 39.92
OAJ 6Y2 I . 3.13 -34.43 39.60
OAI 6Y2 I . 5.01 -35.14 41.21
MN MN J . 5.40 -30.11 17.25
CA CA K . 7.00 -29.85 21.11
P PO4 L . 10.84 -21.21 41.56
O1 PO4 L . 11.31 -22.60 41.94
O2 PO4 L . 10.74 -20.35 42.80
O3 PO4 L . 9.50 -21.37 40.87
O4 PO4 L . 11.86 -20.61 40.62
P PO4 M . 6.99 -34.93 28.03
O1 PO4 M . 6.71 -36.01 29.05
O2 PO4 M . 8.48 -34.68 27.97
O3 PO4 M . 6.31 -35.22 26.69
O4 PO4 M . 6.33 -33.69 28.57
CAB 6Y2 N . 25.18 -28.55 -33.10
CAC 6Y2 N . 25.95 -29.63 -33.53
CAD 6Y2 N . 27.31 -29.48 -33.79
CAE 6Y2 N . 27.91 -28.21 -33.60
CAF 6Y2 N . 27.13 -27.12 -33.16
CAG 6Y2 N . 25.77 -27.29 -32.92
CAL 6Y2 N . 23.27 -28.34 -31.60
CAO 6Y2 N . 22.42 -29.43 -30.96
CAW 6Y2 N . 22.56 -28.05 -28.81
CBA 6Y2 N . 23.53 -27.13 -29.59
CBK 6Y2 N . 24.31 -24.51 -25.02
CBG 6Y2 N . 22.86 -24.82 -25.45
OBH 6Y2 N . 22.09 -23.89 -25.68
N2 6Y2 N . 22.52 -26.12 -25.48
C2 6Y2 N . 21.19 -26.57 -25.82
C3 6Y2 N . 20.48 -26.99 -24.53
O3 6Y2 N . 20.45 -25.87 -23.59
C4 6Y2 N . 19.10 -27.53 -24.89
O4 6Y2 N . 18.30 -26.50 -25.50
C5 6Y2 N . 19.27 -28.69 -25.90
C6 6Y2 N . 17.93 -29.21 -26.36
O6 6Y2 N . 18.24 -30.41 -27.09
O5 6Y2 N . 19.95 -28.21 -27.06
C1 6Y2 N . 21.27 -27.73 -26.76
O1 6Y2 N . 21.80 -27.21 -27.96
OBB 6Y2 N . 24.22 -27.89 -30.59
CBE 6Y2 N . 24.58 -26.47 -28.70
OBF 6Y2 N . 25.33 -27.46 -28.03
CAS 6Y2 N . 21.62 -28.76 -29.82
OAT 6Y2 N . 20.80 -29.73 -29.18
NAP 6Y2 N . 21.43 -30.00 -31.91
CBI 6Y2 N . 21.15 -31.32 -31.99
OBJ 6Y2 N . 21.71 -32.18 -31.30
CBL 6Y2 N . 20.07 -31.75 -33.00
OAA 6Y2 N . 23.85 -28.78 -32.86
NAH 6Y2 N . 29.20 -28.05 -33.84
OAJ 6Y2 N . 30.03 -27.35 -32.84
OAI 6Y2 N . 29.76 -28.59 -35.11
MN MN O . 20.97 -24.04 -14.27
CA CA P . 20.02 -25.44 -18.13
P PO4 Q . 25.03 -28.55 -23.71
O1 PO4 Q . 25.46 -29.87 -23.11
O2 PO4 Q . 25.64 -28.29 -25.07
O3 PO4 Q . 23.55 -28.67 -24.06
O4 PO4 Q . 25.39 -27.45 -22.73
P PO4 R . 8.08 -37.65 -13.31
O1 PO4 R . 7.75 -39.02 -13.82
O2 PO4 R . 9.46 -37.23 -13.70
O3 PO4 R . 8.04 -37.63 -11.82
O4 PO4 R . 7.08 -36.68 -13.82
S SO4 S . 31.89 -2.26 -15.86
O1 SO4 S . 31.10 -2.55 -17.08
O2 SO4 S . 32.57 -3.50 -15.41
O3 SO4 S . 30.99 -1.77 -14.79
O4 SO4 S . 32.87 -1.20 -16.16
CAB 6Y2 T . 8.56 39.35 -28.87
CAC 6Y2 T . 9.39 40.16 -29.66
CAD 6Y2 T . 10.03 39.64 -30.78
CAE 6Y2 T . 9.84 38.29 -31.14
CAF 6Y2 T . 9.01 37.48 -30.35
CAG 6Y2 T . 8.38 38.00 -29.24
CAL 6Y2 T . 7.56 39.10 -26.69
CAO 6Y2 T . 7.21 39.93 -25.48
CAW 6Y2 T . 5.56 38.17 -24.90
CBA 6Y2 T . 5.83 37.53 -26.23
CBK 6Y2 T . 1.60 34.22 -25.45
CBG 6Y2 T . 2.69 34.32 -24.40
OBH 6Y2 T . 3.46 33.37 -24.18
N2 6Y2 T . 2.78 35.53 -23.80
C2 6Y2 T . 3.81 35.81 -22.79
C3 6Y2 T . 3.14 35.77 -21.42
O3 6Y2 T . 2.76 34.43 -21.16
C4 6Y2 T . 4.11 36.27 -20.36
O4 6Y2 T . 5.25 35.38 -20.28
C5 6Y2 T . 4.60 37.69 -20.75
C6 6Y2 T . 5.51 38.20 -19.68
O6 6Y2 T . 5.87 39.51 -20.13
O5 6Y2 T . 5.32 37.61 -22.00
C1 6Y2 T . 4.41 37.19 -23.05
O1 6Y2 T . 5.28 37.05 -24.08
OBB 6Y2 T . 6.37 38.46 -27.16
CBE 6Y2 T . 4.45 37.04 -26.74
OBF 6Y2 T . 4.54 36.68 -28.10
CAS 6Y2 T . 6.75 38.97 -24.40
OAT 6Y2 T . 6.39 39.71 -23.22
NAP 6Y2 T . 8.37 40.67 -25.00
CBI 6Y2 T . 8.53 42.01 -25.19
OBJ 6Y2 T . 7.74 42.72 -25.81
CBL 6Y2 T . 9.79 42.63 -24.62
OAA 6Y2 T . 7.97 39.94 -27.77
NAH 6Y2 T . 10.43 37.79 -32.23
OAJ 6Y2 T . 9.70 36.77 -33.00
OAI 6Y2 T . 11.78 38.26 -32.61
MN MN U . -4.95 30.10 -17.19
CA CA V . -1.59 32.43 -18.01
P PO4 W . 9.23 43.20 -19.01
O1 PO4 W . 9.41 41.83 -18.39
O2 PO4 W . 10.53 43.96 -18.81
O3 PO4 W . 8.88 43.16 -20.50
O4 PO4 W . 8.09 43.84 -18.28
CAB 6Y2 X . -38.25 21.30 24.76
CAC 6Y2 X . -37.83 19.95 24.87
CAD 6Y2 X . -38.74 18.96 25.22
CAE 6Y2 X . -40.07 19.28 25.47
CAF 6Y2 X . -40.50 20.61 25.37
CAG 6Y2 X . -39.59 21.60 25.00
CAL 6Y2 X . -36.38 22.05 23.41
CAO 6Y2 X . -36.83 22.23 21.96
CAW 6Y2 X . -34.35 22.34 21.38
CBA 6Y2 X . -34.11 22.45 22.88
CBK 6Y2 X . -28.71 22.71 22.17
CBG 6Y2 X . -29.51 21.76 21.26
OBH 6Y2 X . -29.29 20.55 21.28
N2 6Y2 X . -30.43 22.33 20.48
C2 6Y2 X . -31.25 21.55 19.56
C3 6Y2 X . -30.74 21.78 18.15
O3 6Y2 X . -29.39 21.24 18.04
C4 6Y2 X . -31.67 21.14 17.14
O4 6Y2 X . -31.68 19.73 17.34
C5 6Y2 X . -33.10 21.74 17.36
C6 6Y2 X . -34.09 21.22 16.34
O6 6Y2 X . -35.33 21.88 16.69
O5 6Y2 X . -33.54 21.34 18.65
C1 6Y2 X . -32.71 22.00 19.65
O1 6Y2 X . -33.25 21.56 20.88
OBB 6Y2 X . -35.27 22.93 23.62
CBE 6Y2 X . -32.97 23.42 23.13
OBF 6Y2 X . -32.61 23.22 24.48
CAS 6Y2 X . -35.70 21.63 21.08
OAT 6Y2 X . -36.03 21.68 19.68
NAP 6Y2 X . -38.08 21.50 21.65
CBI 6Y2 X . -39.07 22.01 20.90
OBJ 6Y2 X . -39.07 23.14 20.42
CBL 6Y2 X . -40.28 21.08 20.67
OAA 6Y2 X . -37.41 22.32 24.40
NAH 6Y2 X . -40.88 18.29 25.79
OAJ 6Y2 X . -42.05 18.12 25.05
OAI 6Y2 X . -40.47 17.33 26.90
MN MN Y . -21.06 24.08 14.22
CA CA Z . -25.09 22.98 15.00
P PO4 AA . -30.28 26.13 20.48
O1 PO4 AA . -30.86 25.18 21.51
O2 PO4 AA . -28.76 25.98 20.38
O3 PO4 AA . -31.04 25.86 19.19
O4 PO4 AA . -30.42 27.58 20.91
#